data_6BRS
#
_entry.id   6BRS
#
_cell.length_a   81.531
_cell.length_b   127.369
_cell.length_c   132.200
_cell.angle_alpha   90.00
_cell.angle_beta   90.00
_cell.angle_gamma   90.00
#
_symmetry.space_group_name_H-M   'P 2 21 21'
#
loop_
_entity.id
_entity.type
_entity.pdbx_description
1 polymer 'Putative zinc protease'
2 polymer 'Ferredoxin-2, chloroplastic'
3 polymer 'unidentified Ferredoxin peptide'
4 non-polymer 'PHOSPHATE ION'
5 non-polymer 'MERCURY (II) ION'
6 water water
#
loop_
_entity_poly.entity_id
_entity_poly.type
_entity_poly.pdbx_seq_one_letter_code
_entity_poly.pdbx_strand_id
1 'polypeptide(L)'
;EEIKSPLPVFKEGTLANGFRYTLVQLEGPKTRVDIRLIVDVGSIDEKDNESGVAHMVEHMVFRASDAFPQGVSTELHKQG
WGRGQSYNAVTNYERTMYMMSPPKGNLDLGATLQALSQMTGHAKLLQSDLDDERKIILEEWRGKLGVAERMNQQRVQAIR
HDSRYPSRPVIGTEESINDTPASVLQDFYQRWYHPSNMRLMIIGDITPADAEREIQRYFAALPNVAVPTRDYYEPLLKPQ
LKVARLQDSQSGSSQVSFVYRFNDKDAFGQSEYRHRLLTQITMSAVTRQVRRQKAELPQDASSLVVRKSDIGKTTAALGF
FANVMPGGHDAAISAVLKEIERFKRYPLNEQDITEITSDIREVAQRMSVTPETREFADWVQQLTIVWQQDRPYVGSQQRG
KDALEALDTIKGEDVNRHWQRWLASPDTLAQFSVPGATPFTLPKPDAISKLQKQWALATLAPLRLEEKKIIPELPSVTQS
GKRTAVKTFAAQKVEQWQLSNGDRVVWLRAPEAGKKVYLTATSQAGFMATAMNPWQAQLASQLVNQSGPATWSGESLSNW
KKEKTLSLSIDQEADQLTLSGTAPTEQLASLFGLYRELNVAPGIDPDVMKESMMSLARQKANDDQSVGGKRASEMTKLRF
GEPAWQQPEIAELKKISAPALLSQWHKAASAPVTYYLIADMPATQLLPQVERYLATIPRQPASEVKQHLALSGKREATSA
INVEPRADILTWSFTPHAWTPQAAVQVSIARNIASKYLKTSLRDDALGIYRMRVDSELEDKKQRIETEVSFTSAPERAQE
LWTLAEQAFSELPTKITQQDVDEQKAQFIRAEKGRQGDLTTIQRRLILSYRHYNDPRYLSNASKLADSITLESVRAMSAK
LYNPDNRVLYITLPQEVKE
;
A
2 'polypeptide(L)'
;ATYKVKFITPEGELEVECDDDVYVLDAAEEAGIDLPYSCRAGSCSSCAGKVVSGSVDQSDQSFLDDEQIGEGFVLTCAAY
PTSDVTIETHKEEAIMLEHHHHHH
;
F,C
3 'polypeptide(L)' (UNK)(UNK)(UNK)(UNK) E
#
loop_
_chem_comp.id
_chem_comp.type
_chem_comp.name
_chem_comp.formula
HG non-polymer 'MERCURY (II) ION' 'Hg 2'
PO4 non-polymer 'PHOSPHATE ION' 'O4 P -3'
#
# COMPACT_ATOMS: atom_id res chain seq x y z
N GLU A 1 -16.07 -2.87 -22.79
CA GLU A 1 -14.93 -3.70 -23.14
C GLU A 1 -15.24 -5.20 -23.01
N GLU A 2 -16.51 -5.57 -23.18
CA GLU A 2 -16.91 -6.96 -22.94
C GLU A 2 -16.33 -7.91 -23.99
N ILE A 3 -16.58 -7.64 -25.26
CA ILE A 3 -15.96 -8.40 -26.35
C ILE A 3 -14.65 -7.73 -26.70
N LYS A 4 -13.53 -8.46 -26.59
CA LYS A 4 -12.23 -7.90 -26.92
C LYS A 4 -12.17 -7.49 -28.39
N SER A 5 -11.57 -6.37 -28.65
CA SER A 5 -11.40 -5.88 -30.00
C SER A 5 -10.00 -6.24 -30.52
N PRO A 6 -9.88 -6.46 -31.82
CA PRO A 6 -8.59 -6.84 -32.41
C PRO A 6 -7.65 -5.64 -32.50
N LEU A 7 -6.43 -5.93 -32.92
CA LEU A 7 -5.42 -4.90 -33.08
C LEU A 7 -5.98 -3.79 -33.97
N PRO A 8 -5.95 -2.54 -33.54
CA PRO A 8 -6.61 -1.46 -34.28
C PRO A 8 -5.81 -0.97 -35.47
N VAL A 9 -6.48 -0.20 -36.30
CA VAL A 9 -5.82 0.54 -37.35
C VAL A 9 -5.40 1.89 -36.78
N PHE A 10 -4.14 2.26 -37.03
CA PHE A 10 -3.58 3.52 -36.54
C PHE A 10 -3.49 4.52 -37.68
N LYS A 11 -3.94 5.74 -37.46
CA LYS A 11 -3.64 6.84 -38.36
C LYS A 11 -2.93 7.96 -37.59
N GLU A 12 -1.83 8.45 -38.15
CA GLU A 12 -1.04 9.53 -37.58
C GLU A 12 -1.01 10.71 -38.53
N GLY A 13 -0.83 11.91 -37.96
CA GLY A 13 -0.80 13.11 -38.77
C GLY A 13 -0.06 14.21 -38.05
N THR A 14 0.30 15.24 -38.82
CA THR A 14 0.98 16.42 -38.31
C THR A 14 0.36 17.65 -38.96
N LEU A 15 -0.26 18.52 -38.16
CA LEU A 15 -0.71 19.79 -38.71
C LEU A 15 0.49 20.63 -39.17
N ALA A 16 0.18 21.63 -40.00
CA ALA A 16 1.22 22.53 -40.52
C ALA A 16 2.03 23.16 -39.39
N ASN A 17 1.41 23.43 -38.25
CA ASN A 17 2.10 24.10 -37.16
C ASN A 17 2.91 23.14 -36.30
N GLY A 18 2.96 21.84 -36.66
CA GLY A 18 3.73 20.86 -35.93
C GLY A 18 2.98 20.07 -34.88
N PHE A 19 1.68 20.34 -34.71
CA PHE A 19 0.84 19.58 -33.78
C PHE A 19 0.68 18.14 -34.29
N ARG A 20 1.07 17.16 -33.46
CA ARG A 20 1.01 15.76 -33.87
C ARG A 20 -0.17 15.05 -33.23
N TYR A 21 -0.79 14.13 -33.98
CA TYR A 21 -1.95 13.41 -33.47
C TYR A 21 -1.92 11.96 -33.92
N THR A 22 -2.52 11.11 -33.11
CA THR A 22 -2.60 9.68 -33.38
C THR A 22 -4.04 9.23 -33.15
N LEU A 23 -4.64 8.65 -34.18
CA LEU A 23 -6.01 8.18 -34.14
C LEU A 23 -5.99 6.65 -34.15
N VAL A 24 -6.69 6.05 -33.21
CA VAL A 24 -6.64 4.61 -32.97
C VAL A 24 -8.08 4.10 -32.98
N GLN A 25 -8.50 3.54 -34.11
CA GLN A 25 -9.87 3.08 -34.25
C GLN A 25 -10.00 1.63 -33.79
N LEU A 26 -10.84 1.40 -32.77
CA LEU A 26 -11.13 0.07 -32.29
C LEU A 26 -12.48 -0.39 -32.82
N GLU A 27 -12.55 -1.65 -33.26
CA GLU A 27 -13.86 -2.29 -33.38
C GLU A 27 -14.62 -2.08 -32.08
N GLY A 28 -13.92 -2.22 -30.94
CA GLY A 28 -14.16 -1.55 -29.68
C GLY A 28 -15.57 -1.56 -29.14
N PRO A 29 -15.70 -1.35 -27.84
CA PRO A 29 -17.05 -1.14 -27.28
C PRO A 29 -17.65 0.07 -27.98
N LYS A 30 -18.96 0.00 -28.23
CA LYS A 30 -19.62 1.03 -29.01
C LYS A 30 -19.56 2.39 -28.29
N THR A 31 -19.20 3.43 -29.06
CA THR A 31 -19.27 4.85 -28.69
C THR A 31 -18.25 5.31 -27.65
N ARG A 32 -17.58 4.39 -26.96
CA ARG A 32 -16.61 4.79 -25.95
C ARG A 32 -15.34 5.36 -26.60
N VAL A 33 -14.79 6.39 -25.97
CA VAL A 33 -13.62 7.09 -26.51
C VAL A 33 -12.69 7.50 -25.37
N ASP A 34 -11.42 7.76 -25.71
CA ASP A 34 -10.44 8.23 -24.74
C ASP A 34 -9.49 9.17 -25.48
N ILE A 35 -9.23 10.33 -24.89
CA ILE A 35 -8.60 11.44 -25.58
C ILE A 35 -7.54 12.00 -24.65
N ARG A 36 -6.29 11.95 -25.09
CA ARG A 36 -5.15 12.43 -24.32
C ARG A 36 -4.35 13.44 -25.12
N LEU A 37 -3.85 14.45 -24.43
CA LEU A 37 -2.92 15.39 -25.02
C LEU A 37 -1.71 15.54 -24.12
N ILE A 38 -0.51 15.47 -24.71
CA ILE A 38 0.73 15.65 -23.98
C ILE A 38 1.37 16.95 -24.44
N VAL A 39 1.75 17.78 -23.48
CA VAL A 39 2.62 18.92 -23.69
C VAL A 39 3.99 18.55 -23.14
N ASP A 40 5.03 18.63 -23.97
CA ASP A 40 6.37 18.15 -23.56
C ASP A 40 7.08 19.19 -22.71
N VAL A 41 6.49 19.47 -21.56
CA VAL A 41 7.09 20.35 -20.56
C VAL A 41 6.74 19.80 -19.20
N GLY A 42 7.73 19.80 -18.31
CA GLY A 42 7.58 19.31 -16.95
C GLY A 42 8.35 20.19 -16.00
N SER A 43 8.40 19.83 -14.72
CA SER A 43 9.12 20.67 -13.75
C SER A 43 10.61 20.78 -14.05
N ILE A 44 11.19 19.81 -14.75
CA ILE A 44 12.62 19.89 -15.08
C ILE A 44 12.89 21.13 -15.93
N ASP A 45 11.94 21.56 -16.74
CA ASP A 45 12.18 22.73 -17.57
C ASP A 45 11.98 24.04 -16.83
N GLU A 46 11.59 24.01 -15.55
CA GLU A 46 11.44 25.27 -14.83
C GLU A 46 12.79 25.96 -14.65
N LYS A 47 12.75 27.29 -14.65
CA LYS A 47 13.87 28.13 -14.26
C LYS A 47 13.88 28.32 -12.74
N ASP A 48 14.93 28.99 -12.26
CA ASP A 48 15.10 29.15 -10.81
C ASP A 48 13.91 29.87 -10.18
N ASN A 49 13.32 30.83 -10.88
CA ASN A 49 12.18 31.55 -10.33
C ASN A 49 10.84 30.90 -10.66
N GLU A 50 10.82 29.64 -11.11
CA GLU A 50 9.60 29.00 -11.61
C GLU A 50 9.25 27.75 -10.83
N SER A 51 9.65 27.68 -9.57
CA SER A 51 9.42 26.48 -8.76
C SER A 51 7.95 26.08 -8.79
N GLY A 52 7.68 24.84 -9.22
CA GLY A 52 6.32 24.33 -9.27
C GLY A 52 5.40 24.96 -10.31
N VAL A 53 5.95 25.80 -11.20
CA VAL A 53 5.12 26.50 -12.18
C VAL A 53 4.50 25.53 -13.19
N ALA A 54 5.21 24.46 -13.56
CA ALA A 54 4.63 23.51 -14.51
C ALA A 54 3.32 22.95 -13.95
N HIS A 55 3.37 22.52 -12.69
CA HIS A 55 2.17 21.98 -12.04
C HIS A 55 1.11 23.06 -11.83
N MET A 56 1.51 24.31 -11.58
CA MET A 56 0.51 25.35 -11.39
C MET A 56 -0.18 25.66 -12.72
N VAL A 57 0.57 25.64 -13.82
CA VAL A 57 -0.05 25.84 -15.13
C VAL A 57 -1.03 24.72 -15.41
N GLU A 58 -0.69 23.50 -14.97
CA GLU A 58 -1.60 22.37 -15.14
C GLU A 58 -2.95 22.68 -14.50
N HIS A 59 -2.94 23.25 -13.28
CA HIS A 59 -4.19 23.64 -12.63
C HIS A 59 -4.85 24.80 -13.38
N MET A 60 -4.05 25.79 -13.75
CA MET A 60 -4.60 27.07 -14.18
C MET A 60 -5.23 27.02 -15.56
N VAL A 61 -4.85 26.07 -16.42
CA VAL A 61 -5.45 26.03 -17.74
C VAL A 61 -6.90 25.58 -17.72
N PHE A 62 -7.39 25.06 -16.59
CA PHE A 62 -8.81 24.80 -16.46
C PHE A 62 -9.59 26.02 -16.01
N ARG A 63 -8.91 27.15 -15.79
CA ARG A 63 -9.59 28.40 -15.43
C ARG A 63 -9.94 29.19 -16.67
N ALA A 64 -9.97 30.51 -16.57
CA ALA A 64 -10.48 31.37 -17.64
C ALA A 64 -9.71 31.15 -18.93
N SER A 65 -10.45 31.04 -20.04
CA SER A 65 -9.90 31.01 -21.38
C SER A 65 -10.68 31.97 -22.28
N ASP A 66 -10.14 32.23 -23.46
CA ASP A 66 -10.74 33.20 -24.40
C ASP A 66 -12.21 32.92 -24.63
N ALA A 67 -12.60 31.64 -24.73
CA ALA A 67 -13.98 31.30 -25.06
C ALA A 67 -14.82 30.94 -23.85
N PHE A 68 -14.19 30.62 -22.72
CA PHE A 68 -14.89 30.24 -21.49
C PHE A 68 -14.33 31.11 -20.37
N PRO A 69 -14.75 32.38 -20.30
CA PRO A 69 -14.19 33.26 -19.26
C PRO A 69 -14.55 32.85 -17.83
N GLN A 70 -15.60 32.07 -17.63
CA GLN A 70 -15.92 31.51 -16.32
C GLN A 70 -15.09 30.29 -15.99
N GLY A 71 -14.24 29.83 -16.92
CA GLY A 71 -13.34 28.72 -16.69
C GLY A 71 -13.64 27.49 -17.52
N VAL A 72 -12.59 26.82 -18.01
CA VAL A 72 -12.80 25.61 -18.81
C VAL A 72 -13.48 24.53 -17.97
N SER A 73 -13.02 24.32 -16.74
CA SER A 73 -13.67 23.28 -15.93
C SER A 73 -15.08 23.69 -15.49
N THR A 74 -15.39 24.99 -15.52
CA THR A 74 -16.76 25.42 -15.28
C THR A 74 -17.68 24.90 -16.39
N GLU A 75 -17.33 25.18 -17.66
CA GLU A 75 -18.14 24.66 -18.75
C GLU A 75 -18.20 23.14 -18.69
N LEU A 76 -17.07 22.48 -18.44
CA LEU A 76 -17.07 21.02 -18.35
C LEU A 76 -18.09 20.53 -17.33
N HIS A 77 -18.15 21.17 -16.17
N HIS A 77 -18.15 21.17 -16.16
CA HIS A 77 -19.16 20.82 -15.17
CA HIS A 77 -19.17 20.80 -15.17
C HIS A 77 -20.56 20.99 -15.72
C HIS A 77 -20.57 20.98 -15.75
N LYS A 78 -20.85 22.16 -16.32
CA LYS A 78 -22.16 22.42 -16.90
C LYS A 78 -22.60 21.31 -17.85
N GLN A 79 -21.72 20.89 -18.75
CA GLN A 79 -22.05 19.85 -19.71
C GLN A 79 -22.00 18.44 -19.13
N GLY A 80 -21.87 18.28 -17.81
CA GLY A 80 -21.97 16.98 -17.18
C GLY A 80 -20.67 16.27 -16.85
N TRP A 81 -19.51 16.88 -17.11
CA TRP A 81 -18.22 16.23 -16.86
C TRP A 81 -17.89 16.28 -15.37
N GLY A 82 -17.26 15.20 -14.89
CA GLY A 82 -16.85 15.15 -13.50
C GLY A 82 -15.35 15.15 -13.26
N ARG A 83 -14.91 15.99 -12.31
CA ARG A 83 -13.49 16.10 -11.96
C ARG A 83 -12.90 14.74 -11.57
N GLY A 84 -11.89 14.30 -12.29
CA GLY A 84 -11.24 13.04 -11.98
C GLY A 84 -11.81 11.81 -12.66
N GLN A 85 -13.12 11.80 -12.92
CA GLN A 85 -13.68 10.70 -13.70
C GLN A 85 -13.67 11.00 -15.19
N SER A 86 -14.08 12.22 -15.57
CA SER A 86 -14.24 12.60 -16.96
C SER A 86 -13.07 13.43 -17.48
N TYR A 87 -12.44 14.23 -16.63
CA TYR A 87 -11.22 14.91 -17.02
C TYR A 87 -10.21 14.81 -15.89
N ASN A 88 -8.94 14.88 -16.26
CA ASN A 88 -7.84 14.75 -15.33
C ASN A 88 -6.57 15.24 -15.99
N ALA A 89 -5.56 15.51 -15.17
CA ALA A 89 -4.25 15.90 -15.67
C ALA A 89 -3.19 15.42 -14.71
N VAL A 90 -1.97 15.28 -15.23
CA VAL A 90 -0.84 14.93 -14.39
C VAL A 90 0.42 15.62 -14.95
N THR A 91 1.25 16.08 -14.03
CA THR A 91 2.53 16.73 -14.32
C THR A 91 3.62 15.91 -13.65
N ASN A 92 4.68 15.60 -14.38
CA ASN A 92 5.86 14.98 -13.78
C ASN A 92 7.10 15.76 -14.20
N TYR A 93 8.26 15.10 -14.18
CA TYR A 93 9.51 15.81 -14.43
C TYR A 93 9.55 16.38 -15.84
N GLU A 94 9.05 15.64 -16.83
CA GLU A 94 9.33 15.98 -18.22
C GLU A 94 8.12 16.27 -19.10
N ARG A 95 6.91 15.91 -18.68
N ARG A 95 6.91 15.89 -18.67
CA ARG A 95 5.74 16.18 -19.51
CA ARG A 95 5.67 16.01 -19.46
C ARG A 95 4.53 16.52 -18.63
C ARG A 95 4.54 16.56 -18.59
N THR A 96 3.60 17.23 -19.24
CA THR A 96 2.29 17.51 -18.66
C THR A 96 1.24 16.86 -19.57
N MET A 97 0.37 16.06 -18.98
CA MET A 97 -0.59 15.27 -19.75
C MET A 97 -2.01 15.56 -19.28
N TYR A 98 -2.90 15.81 -20.24
CA TYR A 98 -4.31 16.08 -20.04
C TYR A 98 -5.13 14.92 -20.60
N MET A 99 -6.01 14.34 -19.78
CA MET A 99 -6.79 13.15 -20.12
C MET A 99 -8.27 13.46 -20.06
N MET A 100 -9.02 13.01 -21.07
CA MET A 100 -10.46 13.27 -21.13
C MET A 100 -11.20 11.99 -21.48
N SER A 101 -12.25 11.68 -20.71
CA SER A 101 -13.19 10.61 -21.04
C SER A 101 -14.58 11.22 -21.07
N PRO A 102 -14.98 11.84 -22.19
CA PRO A 102 -16.26 12.56 -22.24
C PRO A 102 -17.42 11.67 -21.84
N PRO A 103 -18.30 12.14 -20.97
CA PRO A 103 -19.39 11.29 -20.48
C PRO A 103 -20.23 10.67 -21.58
N LYS A 104 -20.47 11.39 -22.69
CA LYS A 104 -21.24 10.83 -23.80
C LYS A 104 -20.36 10.30 -24.92
N GLY A 105 -19.14 9.86 -24.59
CA GLY A 105 -18.30 9.16 -25.55
C GLY A 105 -17.99 9.98 -26.79
N ASN A 106 -18.06 9.33 -27.96
CA ASN A 106 -17.64 9.95 -29.21
C ASN A 106 -18.55 11.09 -29.63
N LEU A 107 -19.76 11.18 -29.08
CA LEU A 107 -20.65 12.29 -29.41
C LEU A 107 -20.10 13.62 -28.91
N ASP A 108 -19.25 13.62 -27.89
CA ASP A 108 -18.69 14.84 -27.33
C ASP A 108 -17.28 15.13 -27.85
N LEU A 109 -16.88 14.52 -28.97
CA LEU A 109 -15.49 14.63 -29.40
C LEU A 109 -15.14 16.07 -29.77
N GLY A 110 -16.02 16.73 -30.53
CA GLY A 110 -15.80 18.13 -30.84
C GLY A 110 -15.75 18.99 -29.59
N ALA A 111 -16.62 18.69 -28.62
CA ALA A 111 -16.63 19.46 -27.38
C ALA A 111 -15.31 19.29 -26.64
N THR A 112 -14.89 18.03 -26.46
CA THR A 112 -13.60 17.72 -25.83
C THR A 112 -12.45 18.44 -26.51
N LEU A 113 -12.39 18.37 -27.85
N LEU A 113 -12.40 18.37 -27.84
CA LEU A 113 -11.29 19.01 -28.56
CA LEU A 113 -11.29 19.01 -28.56
C LEU A 113 -11.34 20.53 -28.45
C LEU A 113 -11.34 20.53 -28.44
N GLN A 114 -12.54 21.11 -28.39
CA GLN A 114 -12.66 22.54 -28.09
C GLN A 114 -12.12 22.85 -26.70
N ALA A 115 -12.49 22.03 -25.72
CA ALA A 115 -11.97 22.23 -24.37
C ALA A 115 -10.45 22.14 -24.35
N LEU A 116 -9.88 21.08 -24.95
CA LEU A 116 -8.42 20.91 -24.90
C LEU A 116 -7.71 22.03 -25.62
N SER A 117 -8.26 22.52 -26.73
CA SER A 117 -7.60 23.60 -27.44
C SER A 117 -7.64 24.89 -26.63
N GLN A 118 -8.74 25.10 -25.90
CA GLN A 118 -8.84 26.26 -25.01
C GLN A 118 -7.77 26.21 -23.93
N MET A 119 -7.63 25.06 -23.27
CA MET A 119 -6.64 24.90 -22.22
C MET A 119 -5.24 25.13 -22.75
N THR A 120 -4.93 24.56 -23.91
CA THR A 120 -3.55 24.57 -24.34
C THR A 120 -3.18 25.75 -25.23
N GLY A 121 -4.15 26.50 -25.73
CA GLY A 121 -3.81 27.58 -26.63
C GLY A 121 -4.42 28.92 -26.27
N HIS A 122 -5.37 28.94 -25.34
CA HIS A 122 -6.12 30.14 -25.07
C HIS A 122 -6.41 30.35 -23.59
N ALA A 123 -5.60 29.75 -22.70
CA ALA A 123 -5.77 30.01 -21.29
C ALA A 123 -5.38 31.45 -20.96
N LYS A 124 -6.16 32.07 -20.06
CA LYS A 124 -5.89 33.45 -19.66
C LYS A 124 -4.85 33.52 -18.55
N LEU A 125 -4.81 32.51 -17.66
CA LEU A 125 -3.89 32.48 -16.53
C LEU A 125 -3.96 33.78 -15.75
N LEU A 126 -5.18 34.07 -15.27
CA LEU A 126 -5.46 35.37 -14.66
C LEU A 126 -5.04 35.37 -13.20
N GLN A 127 -4.46 36.50 -12.79
CA GLN A 127 -4.05 36.67 -11.40
C GLN A 127 -5.21 36.38 -10.45
N SER A 128 -6.41 36.89 -10.76
CA SER A 128 -7.55 36.68 -9.86
C SER A 128 -7.94 35.21 -9.78
N ASP A 129 -7.86 34.47 -10.90
CA ASP A 129 -8.06 33.03 -10.86
C ASP A 129 -6.94 32.34 -10.08
N LEU A 130 -5.71 32.83 -10.22
CA LEU A 130 -4.59 32.21 -9.52
C LEU A 130 -4.73 32.37 -8.01
N ASP A 131 -5.12 33.57 -7.55
CA ASP A 131 -5.31 33.77 -6.11
C ASP A 131 -6.45 32.90 -5.58
N ASP A 132 -7.46 32.62 -6.41
CA ASP A 132 -8.46 31.64 -6.00
C ASP A 132 -7.86 30.24 -5.97
N GLU A 133 -7.04 29.90 -6.97
CA GLU A 133 -6.62 28.50 -7.12
C GLU A 133 -5.54 28.10 -6.15
N ARG A 134 -4.72 29.05 -5.68
CA ARG A 134 -3.57 28.68 -4.89
C ARG A 134 -3.97 28.09 -3.54
N LYS A 135 -5.21 28.29 -3.09
CA LYS A 135 -5.69 27.54 -1.93
C LYS A 135 -5.79 26.05 -2.25
N ILE A 136 -6.13 25.71 -3.50
CA ILE A 136 -6.27 24.31 -3.89
C ILE A 136 -4.90 23.69 -4.15
N ILE A 137 -3.96 24.48 -4.65
CA ILE A 137 -2.60 23.99 -4.83
C ILE A 137 -1.89 23.86 -3.49
N LEU A 138 -2.22 24.72 -2.51
CA LEU A 138 -1.60 24.60 -1.19
C LEU A 138 -2.11 23.37 -0.45
N GLU A 139 -3.38 23.00 -0.64
CA GLU A 139 -3.88 21.75 -0.08
C GLU A 139 -3.15 20.56 -0.69
N GLU A 140 -3.06 20.52 -2.03
CA GLU A 140 -2.28 19.51 -2.72
C GLU A 140 -0.88 19.40 -2.13
N TRP A 141 -0.28 20.54 -1.78
CA TRP A 141 1.06 20.56 -1.21
C TRP A 141 1.09 20.05 0.23
N ARG A 142 0.09 20.44 1.04
CA ARG A 142 0.07 19.99 2.44
C ARG A 142 -0.08 18.48 2.53
N GLY A 143 -0.96 17.89 1.71
CA GLY A 143 -1.18 16.44 1.73
C GLY A 143 -0.04 15.63 1.17
N LYS A 144 1.06 16.30 0.86
CA LYS A 144 2.24 15.72 0.21
C LYS A 144 3.47 15.83 1.11
N LEU A 145 3.28 16.12 2.40
CA LEU A 145 4.38 16.56 3.25
C LEU A 145 4.93 15.48 4.17
N GLY A 146 4.46 14.25 4.08
CA GLY A 146 4.86 13.22 5.01
C GLY A 146 6.30 12.73 4.86
N VAL A 147 6.61 11.73 5.69
CA VAL A 147 7.95 11.15 5.69
C VAL A 147 8.23 10.47 4.36
N ALA A 148 7.19 9.96 3.69
CA ALA A 148 7.42 9.23 2.45
C ALA A 148 7.96 10.14 1.36
N GLU A 149 7.46 11.39 1.31
CA GLU A 149 7.92 12.35 0.31
C GLU A 149 9.31 12.88 0.64
N ARG A 150 9.57 13.20 1.91
CA ARG A 150 10.90 13.66 2.28
C ARG A 150 11.96 12.60 2.00
N MET A 151 11.64 11.32 2.25
CA MET A 151 12.59 10.25 1.94
C MET A 151 12.71 10.04 0.42
N ASN A 152 11.61 10.17 -0.33
CA ASN A 152 11.71 10.09 -1.78
C ASN A 152 12.63 11.18 -2.32
N GLN A 153 12.51 12.38 -1.77
CA GLN A 153 13.40 13.48 -2.14
C GLN A 153 14.85 13.17 -1.76
N GLN A 154 15.08 12.53 -0.60
CA GLN A 154 16.41 12.03 -0.28
C GLN A 154 16.94 11.07 -1.35
N ARG A 155 16.11 10.15 -1.83
CA ARG A 155 16.57 9.18 -2.81
C ARG A 155 16.92 9.85 -4.14
N VAL A 156 16.06 10.76 -4.62
CA VAL A 156 16.33 11.47 -5.87
C VAL A 156 17.61 12.31 -5.74
N GLN A 157 17.77 13.00 -4.61
CA GLN A 157 18.95 13.80 -4.35
C GLN A 157 20.24 13.01 -4.52
N ALA A 158 20.25 11.77 -4.04
CA ALA A 158 21.47 10.97 -4.04
C ALA A 158 21.64 10.27 -5.40
N ILE A 159 20.66 9.45 -5.78
CA ILE A 159 20.81 8.64 -6.99
C ILE A 159 20.78 9.48 -8.27
N ARG A 160 20.23 10.70 -8.21
CA ARG A 160 20.22 11.60 -9.36
C ARG A 160 21.07 12.84 -9.11
N HIS A 161 22.03 12.73 -8.20
CA HIS A 161 22.96 13.84 -7.97
C HIS A 161 23.66 14.24 -9.26
N ASP A 162 23.92 15.55 -9.39
CA ASP A 162 24.49 16.17 -10.59
C ASP A 162 23.50 16.16 -11.77
N SER A 163 22.24 16.41 -11.48
CA SER A 163 21.23 16.54 -12.53
C SER A 163 20.26 17.62 -12.11
N ARG A 164 19.35 17.95 -13.02
CA ARG A 164 18.30 18.92 -12.68
C ARG A 164 17.21 18.34 -11.78
N TYR A 165 17.07 17.02 -11.70
CA TYR A 165 15.92 16.45 -10.98
C TYR A 165 15.83 16.88 -9.51
N PRO A 166 16.89 16.80 -8.70
CA PRO A 166 16.73 17.05 -7.25
C PRO A 166 16.19 18.41 -6.90
N SER A 167 16.55 19.42 -7.68
CA SER A 167 16.13 20.78 -7.39
C SER A 167 14.82 21.15 -8.08
N ARG A 168 14.16 20.19 -8.72
N ARG A 168 14.17 20.22 -8.76
CA ARG A 168 12.96 20.45 -9.52
CA ARG A 168 12.93 20.50 -9.49
C ARG A 168 11.83 19.45 -9.18
C ARG A 168 11.86 19.47 -9.17
N PRO A 169 11.43 19.37 -7.91
CA PRO A 169 10.28 18.52 -7.59
C PRO A 169 9.02 19.11 -8.24
N VAL A 170 8.07 18.24 -8.58
CA VAL A 170 6.88 18.66 -9.30
C VAL A 170 6.11 19.73 -8.54
N ILE A 171 5.84 19.48 -7.26
CA ILE A 171 4.98 20.39 -6.51
C ILE A 171 5.62 21.76 -6.32
N GLY A 172 6.95 21.83 -6.23
CA GLY A 172 7.56 23.13 -5.93
C GLY A 172 7.42 23.50 -4.46
N THR A 173 7.82 24.72 -4.14
CA THR A 173 7.89 25.18 -2.76
C THR A 173 6.63 25.94 -2.36
N GLU A 174 6.42 26.02 -1.04
CA GLU A 174 5.31 26.81 -0.53
C GLU A 174 5.52 28.30 -0.81
N GLU A 175 6.77 28.76 -0.89
CA GLU A 175 7.01 30.16 -1.25
C GLU A 175 6.47 30.48 -2.63
N SER A 176 6.88 29.69 -3.64
CA SER A 176 6.44 29.99 -5.01
C SER A 176 4.93 29.83 -5.15
N ILE A 177 4.36 28.80 -4.51
CA ILE A 177 2.91 28.61 -4.54
C ILE A 177 2.21 29.85 -3.99
N ASN A 178 2.79 30.47 -2.96
CA ASN A 178 2.18 31.63 -2.32
C ASN A 178 2.50 32.92 -3.04
N ASP A 179 3.72 33.05 -3.58
CA ASP A 179 4.23 34.34 -4.03
C ASP A 179 4.35 34.49 -5.53
N THR A 180 4.37 33.41 -6.28
CA THR A 180 4.65 33.53 -7.71
C THR A 180 3.46 34.19 -8.40
N PRO A 181 3.68 35.27 -9.13
CA PRO A 181 2.58 35.98 -9.79
C PRO A 181 2.18 35.35 -11.11
N ALA A 182 0.89 35.52 -11.46
CA ALA A 182 0.37 35.03 -12.73
C ALA A 182 1.28 35.37 -13.91
N SER A 183 1.96 36.53 -13.86
CA SER A 183 2.84 36.90 -14.97
C SER A 183 3.91 35.84 -15.22
N VAL A 184 4.37 35.15 -14.17
CA VAL A 184 5.38 34.12 -14.35
C VAL A 184 4.77 32.89 -15.02
N LEU A 185 3.60 32.47 -14.54
CA LEU A 185 2.84 31.41 -15.21
C LEU A 185 2.62 31.72 -16.69
N GLN A 186 2.26 32.97 -17.01
CA GLN A 186 1.99 33.35 -18.40
C GLN A 186 3.22 33.20 -19.28
N ASP A 187 4.39 33.65 -18.80
CA ASP A 187 5.62 33.53 -19.59
C ASP A 187 5.99 32.06 -19.80
N PHE A 188 5.77 31.22 -18.79
CA PHE A 188 6.06 29.80 -18.91
C PHE A 188 5.17 29.17 -19.97
N TYR A 189 3.86 29.44 -19.88
CA TYR A 189 2.89 29.00 -20.88
C TYR A 189 3.33 29.41 -22.28
N GLN A 190 3.73 30.67 -22.43
CA GLN A 190 4.06 31.20 -23.75
C GLN A 190 5.41 30.73 -24.23
N ARG A 191 6.28 30.27 -23.32
CA ARG A 191 7.52 29.63 -23.73
C ARG A 191 7.28 28.22 -24.27
N TRP A 192 6.42 27.44 -23.59
CA TRP A 192 6.38 25.98 -23.77
C TRP A 192 5.14 25.45 -24.46
N TYR A 193 4.02 26.15 -24.38
CA TYR A 193 2.74 25.65 -24.88
C TYR A 193 2.60 26.10 -26.33
N HIS A 194 3.22 25.34 -27.23
CA HIS A 194 3.13 25.56 -28.66
C HIS A 194 2.87 24.23 -29.37
N PRO A 195 2.20 24.27 -30.52
CA PRO A 195 1.73 23.01 -31.14
C PRO A 195 2.84 22.01 -31.43
N SER A 196 4.06 22.45 -31.75
CA SER A 196 5.11 21.48 -32.06
C SER A 196 5.73 20.91 -30.80
N ASN A 197 5.28 21.36 -29.63
CA ASN A 197 5.63 20.77 -28.36
C ASN A 197 4.51 19.90 -27.82
N MET A 198 3.54 19.57 -28.67
CA MET A 198 2.31 18.91 -28.28
C MET A 198 1.98 17.74 -29.18
N ARG A 199 1.27 16.78 -28.59
CA ARG A 199 0.75 15.66 -29.35
C ARG A 199 -0.52 15.14 -28.69
N LEU A 200 -1.38 14.56 -29.52
CA LEU A 200 -2.73 14.19 -29.17
C LEU A 200 -3.02 12.76 -29.64
N MET A 201 -3.73 11.99 -28.81
CA MET A 201 -4.13 10.64 -29.18
C MET A 201 -5.59 10.42 -28.83
N ILE A 202 -6.33 9.85 -29.78
CA ILE A 202 -7.75 9.56 -29.63
C ILE A 202 -7.94 8.07 -29.87
N ILE A 203 -8.62 7.41 -28.93
CA ILE A 203 -8.79 5.97 -28.94
C ILE A 203 -10.25 5.64 -28.79
N GLY A 204 -10.76 4.81 -29.70
CA GLY A 204 -12.06 4.21 -29.46
C GLY A 204 -12.96 4.14 -30.68
N ASP A 205 -14.24 4.39 -30.47
CA ASP A 205 -15.26 4.32 -31.51
C ASP A 205 -15.26 5.65 -32.25
N ILE A 206 -14.43 5.77 -33.27
CA ILE A 206 -14.25 7.03 -33.97
C ILE A 206 -14.10 6.77 -35.45
N THR A 207 -14.45 7.78 -36.25
CA THR A 207 -14.20 7.75 -37.68
C THR A 207 -12.97 8.60 -37.95
N PRO A 208 -11.82 8.00 -38.32
CA PRO A 208 -10.58 8.79 -38.40
C PRO A 208 -10.69 10.02 -39.28
N ALA A 209 -11.46 9.94 -40.38
CA ALA A 209 -11.64 11.10 -41.24
C ALA A 209 -12.31 12.24 -40.49
N ASP A 210 -13.39 11.94 -39.76
CA ASP A 210 -14.10 12.98 -38.99
C ASP A 210 -13.25 13.54 -37.86
N ALA A 211 -12.54 12.67 -37.13
CA ALA A 211 -11.72 13.15 -36.02
C ALA A 211 -10.60 14.05 -36.51
N GLU A 212 -9.95 13.68 -37.63
CA GLU A 212 -8.92 14.54 -38.19
C GLU A 212 -9.47 15.92 -38.57
N ARG A 213 -10.76 16.01 -38.93
CA ARG A 213 -11.34 17.31 -39.24
C ARG A 213 -11.57 18.13 -37.97
N GLU A 214 -12.11 17.50 -36.93
CA GLU A 214 -12.26 18.21 -35.66
C GLU A 214 -10.91 18.64 -35.10
N ILE A 215 -9.84 17.88 -35.38
CA ILE A 215 -8.52 18.25 -34.87
C ILE A 215 -7.96 19.43 -35.66
N GLN A 216 -8.13 19.40 -36.99
CA GLN A 216 -7.73 20.57 -37.78
C GLN A 216 -8.49 21.79 -37.34
N ARG A 217 -9.79 21.62 -37.09
CA ARG A 217 -10.65 22.73 -36.69
C ARG A 217 -10.13 23.44 -35.45
N TYR A 218 -9.78 22.67 -34.42
CA TYR A 218 -9.49 23.28 -33.12
C TYR A 218 -8.01 23.55 -32.87
N PHE A 219 -7.09 23.03 -33.70
CA PHE A 219 -5.67 23.19 -33.41
C PHE A 219 -4.85 23.75 -34.56
N ALA A 220 -5.37 23.77 -35.79
CA ALA A 220 -4.54 24.17 -36.92
C ALA A 220 -4.13 25.64 -36.83
N ALA A 221 -4.99 26.49 -36.27
CA ALA A 221 -4.74 27.92 -36.21
C ALA A 221 -3.71 28.33 -35.14
N LEU A 222 -3.33 27.43 -34.23
CA LEU A 222 -2.35 27.78 -33.21
C LEU A 222 -1.02 28.15 -33.87
N PRO A 223 -0.43 29.30 -33.55
CA PRO A 223 0.78 29.72 -34.25
C PRO A 223 1.97 28.79 -34.02
N ASN A 224 2.77 28.65 -35.06
CA ASN A 224 3.95 27.75 -35.04
C ASN A 224 5.14 28.48 -34.42
N VAL A 225 5.33 28.30 -33.11
CA VAL A 225 6.39 28.93 -32.35
C VAL A 225 7.31 27.85 -31.80
N ALA A 226 8.61 28.01 -31.99
CA ALA A 226 9.55 27.00 -31.52
C ALA A 226 9.73 27.11 -30.01
N VAL A 227 10.08 25.99 -29.39
CA VAL A 227 10.42 26.03 -27.97
C VAL A 227 11.93 25.84 -27.88
N PRO A 228 12.55 26.28 -26.79
CA PRO A 228 13.99 26.05 -26.59
C PRO A 228 14.40 24.61 -26.85
N THR A 229 15.58 24.45 -27.43
CA THR A 229 16.19 23.14 -27.52
C THR A 229 16.70 22.72 -26.15
N ARG A 230 16.53 21.43 -25.84
CA ARG A 230 16.82 20.93 -24.50
C ARG A 230 17.63 19.65 -24.59
N ASP A 231 18.71 19.59 -23.83
CA ASP A 231 19.52 18.39 -23.75
C ASP A 231 20.05 18.20 -22.34
N TYR A 232 19.18 18.37 -21.33
CA TYR A 232 19.56 18.34 -19.93
C TYR A 232 18.79 17.28 -19.13
N TYR A 233 18.43 16.18 -19.76
CA TYR A 233 17.64 15.16 -19.07
C TYR A 233 18.47 14.14 -18.31
N GLU A 234 19.80 14.12 -18.52
CA GLU A 234 20.59 13.10 -17.87
C GLU A 234 21.42 13.68 -16.74
N PRO A 235 21.63 12.91 -15.67
CA PRO A 235 22.67 13.27 -14.70
C PRO A 235 24.00 13.32 -15.42
N LEU A 236 24.91 14.18 -14.96
CA LEU A 236 26.22 14.27 -15.60
C LEU A 236 27.09 13.14 -15.07
N LEU A 237 27.09 12.03 -15.78
CA LEU A 237 27.84 10.84 -15.37
C LEU A 237 29.35 11.10 -15.40
N LYS A 238 30.05 10.71 -14.33
CA LYS A 238 31.50 10.78 -14.30
C LYS A 238 32.07 9.67 -13.43
N PRO A 239 33.32 9.24 -13.66
CA PRO A 239 33.92 8.25 -12.74
C PRO A 239 33.98 8.81 -11.34
N GLN A 240 33.50 8.04 -10.36
CA GLN A 240 33.43 8.58 -9.00
C GLN A 240 32.92 7.49 -8.07
N LEU A 241 33.16 7.72 -6.78
CA LEU A 241 32.55 6.94 -5.72
C LEU A 241 31.94 7.99 -4.81
N LYS A 242 30.68 8.33 -5.08
CA LYS A 242 29.94 9.25 -4.23
C LYS A 242 29.35 8.47 -3.05
N VAL A 243 29.39 9.09 -1.88
CA VAL A 243 28.79 8.52 -0.67
C VAL A 243 27.70 9.48 -0.21
N ALA A 244 26.51 8.93 0.05
CA ALA A 244 25.36 9.71 0.48
C ALA A 244 24.66 9.05 1.67
N ARG A 245 24.14 9.87 2.55
CA ARG A 245 23.19 9.40 3.54
C ARG A 245 21.79 9.77 3.08
N LEU A 246 20.88 8.78 3.14
CA LEU A 246 19.45 8.96 2.98
C LEU A 246 18.85 9.10 4.38
N GLN A 247 18.37 10.29 4.72
CA GLN A 247 18.07 10.55 6.13
C GLN A 247 16.77 11.31 6.32
N ASP A 248 15.93 10.79 7.20
CA ASP A 248 14.83 11.54 7.77
C ASP A 248 14.57 11.07 9.18
N SER A 249 14.33 12.03 10.08
CA SER A 249 14.15 11.77 11.51
C SER A 249 12.89 10.98 11.84
N GLN A 250 11.99 10.79 10.88
CA GLN A 250 10.77 10.07 11.06
C GLN A 250 10.78 8.72 10.35
N SER A 251 11.87 8.41 9.64
CA SER A 251 11.98 7.19 8.83
C SER A 251 12.63 6.08 9.65
N GLY A 252 12.06 4.88 9.54
CA GLY A 252 12.68 3.70 10.10
C GLY A 252 13.63 3.00 9.16
N SER A 253 13.95 3.63 8.04
CA SER A 253 14.80 3.01 7.03
C SER A 253 16.16 2.66 7.61
N SER A 254 16.62 1.44 7.31
CA SER A 254 17.88 0.95 7.85
C SER A 254 18.52 0.07 6.76
N GLN A 255 19.45 0.66 6.00
CA GLN A 255 19.71 0.10 4.67
C GLN A 255 21.03 0.64 4.10
N VAL A 256 21.78 -0.25 3.45
CA VAL A 256 22.96 0.15 2.70
C VAL A 256 22.76 -0.23 1.25
N SER A 257 23.38 0.52 0.35
CA SER A 257 23.30 0.11 -1.05
C SER A 257 24.53 0.61 -1.79
N PHE A 258 24.82 -0.07 -2.90
CA PHE A 258 25.89 0.35 -3.82
C PHE A 258 25.29 0.36 -5.22
N VAL A 259 25.50 1.45 -5.94
CA VAL A 259 24.72 1.76 -7.13
C VAL A 259 25.67 2.17 -8.27
N TYR A 260 25.36 1.69 -9.46
CA TYR A 260 26.08 1.96 -10.69
C TYR A 260 25.17 2.78 -11.58
N ARG A 261 25.69 3.89 -12.13
CA ARG A 261 24.93 4.74 -13.04
C ARG A 261 25.57 4.73 -14.42
N PHE A 262 24.75 4.66 -15.47
CA PHE A 262 25.29 4.46 -16.83
C PHE A 262 24.21 4.76 -17.86
N ASN A 263 24.67 4.96 -19.10
CA ASN A 263 23.78 5.12 -20.25
C ASN A 263 23.21 3.77 -20.64
N ASP A 264 21.93 3.56 -20.35
CA ASP A 264 21.27 2.28 -20.52
C ASP A 264 20.65 2.11 -21.91
N LYS A 265 20.54 3.19 -22.70
CA LYS A 265 19.92 3.07 -24.01
C LYS A 265 20.91 2.78 -25.10
N ASP A 266 22.20 3.05 -24.88
CA ASP A 266 23.26 2.69 -25.80
C ASP A 266 23.28 1.18 -26.05
N ALA A 267 22.83 0.75 -27.22
CA ALA A 267 22.79 -0.66 -27.58
C ALA A 267 24.08 -1.15 -28.24
N PHE A 268 25.08 -0.26 -28.37
CA PHE A 268 26.43 -0.59 -28.84
C PHE A 268 26.45 -1.05 -30.30
N GLY A 269 25.60 -0.43 -31.12
CA GLY A 269 25.52 -0.77 -32.53
C GLY A 269 24.72 -2.01 -32.87
N GLN A 270 24.15 -2.70 -31.87
CA GLN A 270 23.32 -3.87 -32.10
C GLN A 270 21.85 -3.49 -31.94
N SER A 271 20.98 -4.51 -32.00
CA SER A 271 19.55 -4.28 -32.00
C SER A 271 19.06 -3.74 -30.65
N GLU A 272 18.37 -2.60 -30.72
CA GLU A 272 17.70 -2.02 -29.57
C GLU A 272 16.78 -3.03 -28.89
N TYR A 273 15.98 -3.75 -29.67
CA TYR A 273 15.08 -4.72 -29.08
C TYR A 273 15.87 -5.86 -28.42
N ARG A 274 16.86 -6.38 -29.14
CA ARG A 274 17.73 -7.40 -28.57
C ARG A 274 18.37 -6.90 -27.27
N HIS A 275 18.80 -5.65 -27.24
CA HIS A 275 19.39 -5.10 -26.03
C HIS A 275 18.43 -5.18 -24.86
N ARG A 276 17.20 -4.69 -25.04
N ARG A 276 17.21 -4.65 -25.04
CA ARG A 276 16.23 -4.70 -23.95
CA ARG A 276 16.22 -4.71 -23.97
C ARG A 276 15.90 -6.14 -23.54
C ARG A 276 15.96 -6.15 -23.53
N LEU A 277 16.01 -7.09 -24.47
CA LEU A 277 15.85 -8.49 -24.12
C LEU A 277 17.03 -9.00 -23.28
N LEU A 278 18.24 -8.55 -23.61
CA LEU A 278 19.40 -8.86 -22.78
C LEU A 278 19.22 -8.36 -21.35
N THR A 279 18.67 -7.15 -21.20
CA THR A 279 18.38 -6.61 -19.87
C THR A 279 17.40 -7.50 -19.10
N GLN A 280 16.34 -7.98 -19.76
CA GLN A 280 15.39 -8.81 -19.04
C GLN A 280 16.02 -10.14 -18.61
N ILE A 281 16.73 -10.79 -19.54
CA ILE A 281 17.37 -12.06 -19.21
C ILE A 281 18.34 -11.87 -18.04
N THR A 282 19.20 -10.84 -18.13
CA THR A 282 20.20 -10.57 -17.11
C THR A 282 19.55 -10.29 -15.76
N MET A 283 18.58 -9.37 -15.73
CA MET A 283 17.92 -9.08 -14.44
C MET A 283 17.26 -10.32 -13.85
N SER A 284 16.66 -11.17 -14.68
CA SER A 284 16.06 -12.41 -14.16
C SER A 284 17.12 -13.34 -13.60
N ALA A 285 18.25 -13.50 -14.32
CA ALA A 285 19.35 -14.33 -13.83
C ALA A 285 19.89 -13.78 -12.50
N VAL A 286 20.14 -12.47 -12.46
CA VAL A 286 20.70 -11.85 -11.27
C VAL A 286 19.72 -11.94 -10.11
N THR A 287 18.43 -11.73 -10.37
CA THR A 287 17.44 -11.86 -9.30
C THR A 287 17.42 -13.28 -8.74
N ARG A 288 17.51 -14.29 -9.59
CA ARG A 288 17.57 -15.66 -9.09
C ARG A 288 18.78 -15.85 -8.19
N GLN A 289 19.95 -15.37 -8.65
CA GLN A 289 21.19 -15.66 -7.95
C GLN A 289 21.31 -14.88 -6.66
N VAL A 290 20.98 -13.58 -6.68
CA VAL A 290 21.23 -12.77 -5.49
C VAL A 290 20.38 -13.28 -4.32
N ARG A 291 19.26 -13.94 -4.60
CA ARG A 291 18.46 -14.50 -3.53
C ARG A 291 19.20 -15.67 -2.86
N ARG A 292 19.81 -16.55 -3.65
CA ARG A 292 20.62 -17.62 -3.07
C ARG A 292 21.78 -17.07 -2.24
N GLN A 293 22.38 -15.93 -2.65
CA GLN A 293 23.49 -15.33 -1.91
C GLN A 293 23.11 -14.86 -0.52
N LYS A 294 21.82 -14.90 -0.15
CA LYS A 294 21.43 -14.60 1.21
C LYS A 294 22.20 -15.45 2.19
N ALA A 295 22.57 -16.70 1.80
CA ALA A 295 23.33 -17.56 2.69
C ALA A 295 24.66 -16.95 3.10
N GLU A 296 25.20 -16.01 2.31
CA GLU A 296 26.54 -15.49 2.57
C GLU A 296 26.54 -14.29 3.51
N LEU A 297 25.39 -13.73 3.83
CA LEU A 297 25.33 -12.45 4.54
C LEU A 297 25.64 -12.64 6.02
N PRO A 298 26.39 -11.70 6.61
CA PRO A 298 26.60 -11.73 8.07
C PRO A 298 25.32 -11.33 8.76
N GLN A 299 25.29 -11.35 10.10
CA GLN A 299 24.03 -11.12 10.81
C GLN A 299 23.54 -9.68 10.66
N ASP A 300 24.43 -8.77 10.29
CA ASP A 300 24.08 -7.35 10.21
C ASP A 300 23.30 -6.99 8.97
N ALA A 301 23.23 -7.88 7.96
CA ALA A 301 22.67 -7.55 6.67
C ALA A 301 21.69 -8.62 6.25
N SER A 302 20.63 -8.22 5.57
CA SER A 302 19.68 -9.23 5.11
C SER A 302 18.97 -8.72 3.88
N SER A 303 18.28 -9.65 3.21
CA SER A 303 17.40 -9.34 2.09
C SER A 303 18.14 -8.52 1.04
N LEU A 304 19.31 -9.02 0.61
CA LEU A 304 20.03 -8.32 -0.44
C LEU A 304 19.31 -8.53 -1.76
N VAL A 305 19.02 -7.43 -2.47
CA VAL A 305 18.30 -7.43 -3.74
C VAL A 305 19.01 -6.53 -4.75
N VAL A 306 18.73 -6.78 -6.02
CA VAL A 306 19.24 -5.98 -7.13
C VAL A 306 18.05 -5.32 -7.82
N ARG A 307 18.12 -4.00 -8.00
CA ARG A 307 17.05 -3.28 -8.64
C ARG A 307 17.61 -2.33 -9.67
N LYS A 308 16.97 -2.29 -10.83
CA LYS A 308 17.35 -1.43 -11.94
C LYS A 308 16.26 -0.39 -12.19
N SER A 309 16.64 0.88 -12.30
CA SER A 309 15.65 1.92 -12.47
C SER A 309 16.15 3.00 -13.43
N ASP A 310 15.21 3.59 -14.17
CA ASP A 310 15.49 4.77 -14.98
C ASP A 310 15.66 6.01 -14.11
N ILE A 311 16.69 6.79 -14.42
CA ILE A 311 16.95 8.02 -13.69
C ILE A 311 17.15 9.16 -14.68
N GLY A 312 16.67 8.96 -15.90
CA GLY A 312 16.64 10.01 -16.91
C GLY A 312 16.02 9.44 -18.16
N LYS A 313 16.19 10.12 -19.29
CA LYS A 313 15.70 9.50 -20.51
C LYS A 313 16.56 8.31 -20.92
N THR A 314 17.88 8.41 -20.72
CA THR A 314 18.77 7.36 -21.17
C THR A 314 19.57 6.72 -20.04
N THR A 315 19.71 7.39 -18.89
CA THR A 315 20.49 6.85 -17.79
C THR A 315 19.66 5.88 -16.96
N ALA A 316 20.32 4.81 -16.50
CA ALA A 316 19.73 3.87 -15.55
C ALA A 316 20.64 3.75 -14.33
N ALA A 317 20.05 3.29 -13.23
CA ALA A 317 20.79 2.95 -12.03
C ALA A 317 20.60 1.46 -11.75
N LEU A 318 21.72 0.75 -11.63
CA LEU A 318 21.73 -0.63 -11.16
C LEU A 318 22.24 -0.63 -9.72
N GLY A 319 21.42 -1.09 -8.80
CA GLY A 319 21.76 -1.01 -7.39
C GLY A 319 21.60 -2.33 -6.65
N PHE A 320 22.52 -2.58 -5.73
CA PHE A 320 22.43 -3.65 -4.76
C PHE A 320 22.04 -3.03 -3.43
N PHE A 321 20.90 -3.44 -2.87
CA PHE A 321 20.39 -2.91 -1.61
C PHE A 321 20.30 -4.04 -0.60
N ALA A 322 20.53 -3.71 0.68
CA ALA A 322 20.35 -4.67 1.76
C ALA A 322 19.85 -3.97 3.02
N ASN A 323 19.07 -4.72 3.81
CA ASN A 323 18.63 -4.25 5.11
C ASN A 323 19.71 -4.49 6.16
N VAL A 324 19.78 -3.57 7.12
CA VAL A 324 20.89 -3.49 8.07
C VAL A 324 20.33 -3.54 9.47
N MET A 325 20.91 -4.40 10.31
CA MET A 325 20.64 -4.35 11.74
C MET A 325 21.20 -3.03 12.28
N PRO A 326 20.39 -2.15 12.85
CA PRO A 326 20.88 -0.83 13.27
C PRO A 326 22.20 -0.90 14.04
N GLY A 327 23.17 -0.11 13.58
CA GLY A 327 24.52 -0.14 14.11
C GLY A 327 25.48 -1.01 13.32
N GLY A 328 24.97 -1.86 12.42
CA GLY A 328 25.84 -2.71 11.64
C GLY A 328 26.10 -2.25 10.21
N HIS A 329 26.00 -0.94 9.96
CA HIS A 329 26.10 -0.44 8.59
C HIS A 329 27.46 -0.76 7.97
N ASP A 330 28.55 -0.64 8.74
CA ASP A 330 29.88 -0.90 8.19
C ASP A 330 30.02 -2.35 7.77
N ALA A 331 29.64 -3.28 8.65
CA ALA A 331 29.67 -4.68 8.25
C ALA A 331 28.73 -4.93 7.08
N ALA A 332 27.60 -4.22 7.01
CA ALA A 332 26.64 -4.50 5.93
C ALA A 332 27.14 -3.99 4.58
N ILE A 333 27.74 -2.80 4.53
CA ILE A 333 28.20 -2.33 3.23
C ILE A 333 29.32 -3.22 2.73
N SER A 334 30.21 -3.65 3.63
CA SER A 334 31.24 -4.60 3.26
C SER A 334 30.64 -5.88 2.67
N ALA A 335 29.65 -6.46 3.38
CA ALA A 335 28.99 -7.67 2.88
C ALA A 335 28.40 -7.46 1.49
N VAL A 336 27.83 -6.28 1.24
CA VAL A 336 27.27 -6.00 -0.08
C VAL A 336 28.38 -5.93 -1.13
N LEU A 337 29.49 -5.26 -0.79
CA LEU A 337 30.62 -5.14 -1.71
C LEU A 337 31.28 -6.49 -1.98
N LYS A 338 31.31 -7.36 -0.97
CA LYS A 338 31.79 -8.73 -1.14
C LYS A 338 31.01 -9.48 -2.22
N GLU A 339 29.66 -9.45 -2.13
CA GLU A 339 28.83 -10.11 -3.12
C GLU A 339 28.97 -9.48 -4.50
N ILE A 340 29.06 -8.16 -4.58
CA ILE A 340 29.29 -7.54 -5.89
C ILE A 340 30.58 -8.09 -6.49
N GLU A 341 31.62 -8.15 -5.67
CA GLU A 341 32.90 -8.69 -6.09
C GLU A 341 32.76 -10.12 -6.55
N ARG A 342 31.93 -10.91 -5.86
CA ARG A 342 31.73 -12.29 -6.29
C ARG A 342 31.11 -12.34 -7.68
N PHE A 343 30.16 -11.44 -7.97
CA PHE A 343 29.53 -11.41 -9.30
C PHE A 343 30.53 -10.99 -10.38
N LYS A 344 31.56 -10.22 -10.02
CA LYS A 344 32.56 -9.84 -11.01
C LYS A 344 33.44 -11.03 -11.40
N ARG A 345 33.56 -12.02 -10.51
CA ARG A 345 34.52 -13.12 -10.67
C ARG A 345 33.94 -14.39 -11.24
N TYR A 346 32.65 -14.67 -11.01
CA TYR A 346 32.09 -15.89 -11.55
C TYR A 346 31.02 -15.58 -12.59
N PRO A 347 30.95 -16.37 -13.66
CA PRO A 347 29.84 -16.21 -14.61
C PRO A 347 28.53 -16.61 -13.94
N LEU A 348 27.45 -16.09 -14.52
CA LEU A 348 26.10 -16.43 -14.06
C LEU A 348 25.81 -17.90 -14.38
N ASN A 349 24.98 -18.51 -13.52
CA ASN A 349 24.55 -19.89 -13.69
C ASN A 349 24.01 -20.14 -15.10
N GLU A 350 24.65 -21.07 -15.80
CA GLU A 350 24.28 -21.34 -17.19
C GLU A 350 22.90 -21.97 -17.30
N GLN A 351 22.50 -22.78 -16.32
CA GLN A 351 21.19 -23.41 -16.39
C GLN A 351 20.08 -22.37 -16.21
N ASP A 352 20.26 -21.48 -15.22
CA ASP A 352 19.37 -20.34 -15.06
C ASP A 352 19.17 -19.62 -16.40
N ILE A 353 20.28 -19.27 -17.07
CA ILE A 353 20.18 -18.55 -18.34
C ILE A 353 19.48 -19.40 -19.39
N THR A 354 19.75 -20.70 -19.39
CA THR A 354 19.03 -21.62 -20.28
C THR A 354 17.53 -21.64 -19.97
N GLU A 355 17.17 -21.81 -18.69
CA GLU A 355 15.75 -21.87 -18.32
C GLU A 355 15.04 -20.56 -18.63
N ILE A 356 15.59 -19.44 -18.17
CA ILE A 356 14.97 -18.13 -18.36
C ILE A 356 14.77 -17.86 -19.86
N THR A 357 15.80 -18.13 -20.66
CA THR A 357 15.71 -17.95 -22.11
C THR A 357 14.67 -18.86 -22.72
N SER A 358 14.46 -20.03 -22.12
CA SER A 358 13.47 -20.97 -22.63
C SER A 358 12.05 -20.53 -22.28
N ASP A 359 11.85 -20.02 -21.05
CA ASP A 359 10.55 -19.45 -20.68
C ASP A 359 10.17 -18.31 -21.61
N ILE A 360 11.12 -17.44 -21.94
CA ILE A 360 10.80 -16.32 -22.81
C ILE A 360 10.46 -16.82 -24.21
N ARG A 361 11.19 -17.83 -24.69
CA ARG A 361 10.93 -18.31 -26.05
C ARG A 361 9.56 -18.94 -26.16
N GLU A 362 9.09 -19.56 -25.08
CA GLU A 362 7.78 -20.20 -25.10
C GLU A 362 6.66 -19.16 -25.14
N VAL A 363 6.86 -18.04 -24.45
CA VAL A 363 5.87 -16.97 -24.48
C VAL A 363 5.95 -16.22 -25.81
N ALA A 364 7.16 -15.99 -26.32
CA ALA A 364 7.30 -15.32 -27.62
C ALA A 364 6.70 -16.15 -28.75
N GLN A 365 6.80 -17.48 -28.65
CA GLN A 365 6.18 -18.37 -29.61
C GLN A 365 4.67 -18.19 -29.61
N ARG A 366 4.06 -18.31 -28.44
CA ARG A 366 2.60 -18.14 -28.31
C ARG A 366 2.18 -16.76 -28.81
N MET A 367 2.91 -15.71 -28.41
CA MET A 367 2.56 -14.37 -28.87
C MET A 367 2.54 -14.30 -30.38
N SER A 368 3.53 -14.91 -31.04
CA SER A 368 3.75 -14.70 -32.46
C SER A 368 2.66 -15.29 -33.33
N VAL A 369 1.90 -16.26 -32.80
CA VAL A 369 0.80 -16.89 -33.53
C VAL A 369 -0.56 -16.54 -32.96
N THR A 370 -0.64 -15.84 -31.85
CA THR A 370 -1.94 -15.52 -31.29
C THR A 370 -2.38 -14.13 -31.75
N PRO A 371 -3.62 -13.97 -32.22
CA PRO A 371 -4.06 -12.64 -32.67
C PRO A 371 -4.40 -11.78 -31.46
N GLU A 372 -3.95 -10.54 -31.49
CA GLU A 372 -4.02 -9.70 -30.30
C GLU A 372 -5.41 -9.10 -30.18
N THR A 373 -6.06 -9.33 -29.02
CA THR A 373 -7.39 -8.83 -28.74
C THR A 373 -7.43 -8.41 -27.29
N ARG A 374 -7.87 -7.18 -27.03
CA ARG A 374 -7.88 -6.62 -25.68
C ARG A 374 -9.20 -5.91 -25.41
N GLU A 375 -9.49 -5.77 -24.11
CA GLU A 375 -10.55 -4.89 -23.66
C GLU A 375 -10.15 -3.44 -23.88
N PHE A 376 -11.14 -2.56 -23.81
CA PHE A 376 -10.92 -1.15 -24.07
C PHE A 376 -9.89 -0.56 -23.12
N ALA A 377 -10.12 -0.71 -21.81
CA ALA A 377 -9.19 -0.16 -20.81
C ALA A 377 -7.79 -0.73 -20.97
N ASP A 378 -7.67 -1.99 -21.39
CA ASP A 378 -6.35 -2.55 -21.65
C ASP A 378 -5.73 -1.93 -22.89
N TRP A 379 -6.51 -1.74 -23.96
CA TRP A 379 -5.95 -1.03 -25.11
C TRP A 379 -5.43 0.34 -24.70
N VAL A 380 -6.20 1.06 -23.87
CA VAL A 380 -5.77 2.39 -23.45
C VAL A 380 -4.44 2.29 -22.67
N GLN A 381 -4.37 1.36 -21.72
CA GLN A 381 -3.14 1.13 -20.98
C GLN A 381 -1.95 0.86 -21.90
N GLN A 382 -2.06 -0.16 -22.76
CA GLN A 382 -0.94 -0.49 -23.66
C GLN A 382 -0.54 0.71 -24.51
N LEU A 383 -1.52 1.38 -25.11
CA LEU A 383 -1.20 2.42 -26.09
C LEU A 383 -0.67 3.69 -25.44
N THR A 384 -1.19 4.06 -24.27
CA THR A 384 -0.66 5.25 -23.60
C THR A 384 0.79 5.06 -23.19
N ILE A 385 1.16 3.83 -22.77
CA ILE A 385 2.55 3.57 -22.40
C ILE A 385 3.47 3.95 -23.55
N VAL A 386 3.26 3.37 -24.73
CA VAL A 386 4.14 3.66 -25.85
C VAL A 386 4.02 5.12 -26.27
N TRP A 387 2.79 5.67 -26.23
CA TRP A 387 2.60 7.06 -26.63
C TRP A 387 3.30 8.03 -25.67
N GLN A 388 3.26 7.74 -24.36
CA GLN A 388 3.93 8.59 -23.39
C GLN A 388 5.43 8.69 -23.66
N GLN A 389 6.04 7.61 -24.10
CA GLN A 389 7.45 7.66 -24.42
C GLN A 389 7.68 8.02 -25.89
N ASP A 390 6.62 8.46 -26.58
CA ASP A 390 6.71 9.01 -27.94
C ASP A 390 7.24 7.96 -28.92
N ARG A 391 6.80 6.71 -28.74
CA ARG A 391 7.17 5.60 -29.61
C ARG A 391 5.94 4.97 -30.25
N PRO A 392 6.08 4.48 -31.49
CA PRO A 392 4.96 3.77 -32.11
C PRO A 392 4.70 2.45 -31.40
N TYR A 393 3.44 2.05 -31.40
CA TYR A 393 3.08 0.77 -30.82
C TYR A 393 3.43 -0.36 -31.79
N VAL A 394 3.96 -1.44 -31.23
CA VAL A 394 4.19 -2.68 -31.98
C VAL A 394 3.36 -3.76 -31.32
N GLY A 395 2.49 -4.39 -32.11
CA GLY A 395 1.58 -5.37 -31.57
C GLY A 395 2.30 -6.56 -30.97
N SER A 396 1.58 -7.27 -30.09
CA SER A 396 2.19 -8.41 -29.40
C SER A 396 2.57 -9.53 -30.35
N GLN A 397 1.84 -9.66 -31.47
CA GLN A 397 2.15 -10.71 -32.42
C GLN A 397 3.48 -10.43 -33.13
N GLN A 398 3.66 -9.20 -33.60
CA GLN A 398 4.94 -8.81 -34.17
C GLN A 398 6.06 -8.85 -33.14
N ARG A 399 5.75 -8.50 -31.89
N ARG A 399 5.76 -8.52 -31.88
CA ARG A 399 6.78 -8.48 -30.85
CA ARG A 399 6.82 -8.49 -30.88
C ARG A 399 7.23 -9.88 -30.49
C ARG A 399 7.24 -9.89 -30.46
N GLY A 400 6.34 -10.88 -30.57
CA GLY A 400 6.75 -12.26 -30.35
C GLY A 400 7.74 -12.72 -31.40
N LYS A 401 7.48 -12.38 -32.67
CA LYS A 401 8.42 -12.73 -33.73
C LYS A 401 9.75 -12.04 -33.53
N ASP A 402 9.75 -10.80 -33.02
CA ASP A 402 11.00 -10.07 -32.82
C ASP A 402 11.81 -10.67 -31.67
N ALA A 403 11.13 -11.13 -30.61
CA ALA A 403 11.82 -11.80 -29.52
C ALA A 403 12.52 -13.07 -30.01
N LEU A 404 11.76 -13.95 -30.70
CA LEU A 404 12.33 -15.17 -31.26
C LEU A 404 13.54 -14.87 -32.14
N GLU A 405 13.45 -13.82 -32.97
CA GLU A 405 14.61 -13.45 -33.79
C GLU A 405 15.80 -13.08 -32.90
N ALA A 406 15.57 -12.24 -31.88
CA ALA A 406 16.67 -11.80 -31.02
C ALA A 406 17.20 -12.93 -30.18
N LEU A 407 16.32 -13.84 -29.72
CA LEU A 407 16.79 -14.94 -28.88
C LEU A 407 17.78 -15.83 -29.62
N ASP A 408 17.63 -15.96 -30.93
CA ASP A 408 18.57 -16.74 -31.73
C ASP A 408 19.96 -16.11 -31.80
N THR A 409 20.10 -14.85 -31.41
CA THR A 409 21.40 -14.19 -31.42
C THR A 409 21.93 -13.98 -30.00
N ILE A 410 21.41 -14.72 -29.04
CA ILE A 410 21.70 -14.51 -27.62
C ILE A 410 22.14 -15.83 -27.00
N LYS A 411 23.40 -15.91 -26.60
CA LYS A 411 23.94 -17.03 -25.82
C LYS A 411 24.40 -16.49 -24.47
N GLY A 412 24.67 -17.39 -23.52
CA GLY A 412 25.05 -16.96 -22.17
C GLY A 412 26.26 -16.05 -22.14
N GLU A 413 27.16 -16.20 -23.11
CA GLU A 413 28.27 -15.27 -23.25
C GLU A 413 27.77 -13.82 -23.31
N ASP A 414 26.70 -13.58 -24.11
CA ASP A 414 26.16 -12.22 -24.22
C ASP A 414 25.58 -11.73 -22.90
N VAL A 415 24.83 -12.58 -22.20
CA VAL A 415 24.24 -12.22 -20.92
C VAL A 415 25.34 -11.81 -19.93
N ASN A 416 26.38 -12.63 -19.81
CA ASN A 416 27.53 -12.30 -18.97
C ASN A 416 28.17 -10.97 -19.39
N ARG A 417 28.45 -10.79 -20.69
CA ARG A 417 29.05 -9.53 -21.14
C ARG A 417 28.15 -8.34 -20.80
N HIS A 418 26.83 -8.50 -21.01
CA HIS A 418 25.87 -7.45 -20.70
C HIS A 418 25.96 -7.06 -19.22
N TRP A 419 26.01 -8.07 -18.36
CA TRP A 419 26.05 -7.89 -16.90
C TRP A 419 27.35 -7.23 -16.43
N GLN A 420 28.51 -7.69 -16.98
CA GLN A 420 29.81 -7.15 -16.55
C GLN A 420 29.99 -5.70 -16.97
N ARG A 421 29.43 -5.30 -18.13
CA ARG A 421 29.37 -3.89 -18.50
C ARG A 421 28.78 -3.04 -17.37
N TRP A 422 27.62 -3.46 -16.84
CA TRP A 422 26.98 -2.67 -15.79
C TRP A 422 27.90 -2.54 -14.58
N LEU A 423 28.45 -3.67 -14.13
CA LEU A 423 29.33 -3.67 -12.97
C LEU A 423 30.68 -2.98 -13.23
N ALA A 424 31.01 -2.67 -14.48
CA ALA A 424 32.20 -1.89 -14.76
C ALA A 424 31.91 -0.40 -14.92
N SER A 425 30.66 0.04 -14.71
CA SER A 425 30.33 1.47 -14.83
C SER A 425 31.17 2.30 -13.85
N PRO A 426 31.91 3.30 -14.32
CA PRO A 426 32.74 4.08 -13.39
C PRO A 426 31.96 5.04 -12.51
N ASP A 427 30.75 5.47 -12.90
CA ASP A 427 29.96 6.34 -12.02
C ASP A 427 29.30 5.46 -10.96
N THR A 428 29.71 5.60 -9.69
CA THR A 428 29.21 4.74 -8.62
C THR A 428 28.81 5.57 -7.39
N LEU A 429 27.93 4.97 -6.57
CA LEU A 429 27.33 5.63 -5.41
C LEU A 429 27.06 4.63 -4.29
N ALA A 430 27.51 4.94 -3.07
CA ALA A 430 27.18 4.17 -1.88
C ALA A 430 26.22 4.97 -0.99
N GLN A 431 25.17 4.32 -0.51
CA GLN A 431 24.10 4.99 0.23
C GLN A 431 23.89 4.34 1.58
N PHE A 432 23.62 5.16 2.59
CA PHE A 432 23.37 4.68 3.94
C PHE A 432 22.11 5.33 4.49
N SER A 433 21.20 4.49 5.00
N SER A 433 21.19 4.50 4.99
CA SER A 433 20.08 4.94 5.82
CA SER A 433 20.10 4.99 5.82
C SER A 433 20.26 4.35 7.20
C SER A 433 20.25 4.36 7.19
N VAL A 434 20.30 5.20 8.22
CA VAL A 434 20.61 4.78 9.58
C VAL A 434 19.52 5.37 10.46
N PRO A 435 18.69 4.54 11.10
CA PRO A 435 17.48 5.06 11.74
C PRO A 435 17.77 5.78 13.04
N GLY A 436 16.94 6.80 13.30
CA GLY A 436 16.93 7.45 14.61
C GLY A 436 18.28 8.02 14.98
N ALA A 437 18.68 7.79 16.23
CA ALA A 437 19.89 8.40 16.78
C ALA A 437 21.08 7.45 16.82
N THR A 438 21.00 6.32 16.11
CA THR A 438 22.11 5.40 15.93
C THR A 438 23.40 6.16 15.59
N PRO A 439 24.48 5.99 16.36
CA PRO A 439 25.74 6.64 16.02
C PRO A 439 26.14 6.36 14.58
N PHE A 440 26.46 7.41 13.85
CA PHE A 440 26.77 7.23 12.44
C PHE A 440 27.63 8.39 11.97
N THR A 441 28.77 8.05 11.37
CA THR A 441 29.59 9.00 10.63
C THR A 441 29.67 8.54 9.18
N LEU A 442 29.36 9.42 8.27
CA LEU A 442 29.33 9.05 6.86
C LEU A 442 30.71 8.58 6.41
N PRO A 443 30.87 7.37 5.88
CA PRO A 443 32.18 6.95 5.37
C PRO A 443 32.68 7.90 4.29
N LYS A 444 34.00 8.09 4.26
CA LYS A 444 34.62 8.81 3.16
C LYS A 444 34.73 7.88 1.94
N PRO A 445 34.77 8.43 0.72
CA PRO A 445 34.94 7.55 -0.44
C PRO A 445 36.07 6.56 -0.31
N ASP A 446 37.23 7.01 0.20
CA ASP A 446 38.39 6.13 0.33
C ASP A 446 38.10 4.93 1.22
N ALA A 447 37.35 5.14 2.31
CA ALA A 447 36.96 4.03 3.14
C ALA A 447 36.16 2.99 2.37
N ILE A 448 35.35 3.44 1.40
CA ILE A 448 34.55 2.50 0.64
C ILE A 448 35.41 1.77 -0.37
N SER A 449 36.28 2.50 -1.09
CA SER A 449 37.16 1.83 -2.06
C SER A 449 38.13 0.88 -1.37
N LYS A 450 38.57 1.22 -0.14
CA LYS A 450 39.34 0.29 0.66
C LYS A 450 38.65 -1.07 0.74
N LEU A 451 37.36 -1.10 1.08
CA LEU A 451 36.68 -2.38 1.14
C LEU A 451 36.58 -3.02 -0.25
N GLN A 452 36.45 -2.21 -1.31
CA GLN A 452 36.49 -2.76 -2.66
C GLN A 452 37.80 -3.49 -2.90
N LYS A 453 38.93 -2.84 -2.60
CA LYS A 453 40.22 -3.47 -2.85
C LYS A 453 40.43 -4.68 -1.96
N GLN A 454 39.94 -4.66 -0.72
CA GLN A 454 40.03 -5.85 0.13
C GLN A 454 39.35 -7.05 -0.53
N TRP A 455 38.16 -6.85 -1.09
CA TRP A 455 37.46 -7.98 -1.68
C TRP A 455 38.01 -8.34 -3.04
N ALA A 456 38.45 -7.35 -3.82
CA ALA A 456 39.10 -7.65 -5.09
C ALA A 456 40.31 -8.57 -4.91
N LEU A 457 41.03 -8.45 -3.78
CA LEU A 457 42.19 -9.29 -3.50
C LEU A 457 41.84 -10.58 -2.78
N ALA A 458 40.63 -10.69 -2.25
CA ALA A 458 40.26 -11.82 -1.42
C ALA A 458 39.97 -13.06 -2.26
N THR A 459 40.13 -14.22 -1.65
CA THR A 459 39.64 -15.46 -2.22
C THR A 459 38.17 -15.60 -1.88
N LEU A 460 37.34 -15.91 -2.88
CA LEU A 460 35.90 -15.98 -2.71
C LEU A 460 35.36 -17.29 -3.24
N ALA A 461 34.45 -17.89 -2.49
CA ALA A 461 33.81 -19.13 -2.87
C ALA A 461 32.91 -18.92 -4.09
N PRO A 462 32.55 -19.99 -4.79
CA PRO A 462 31.64 -19.87 -5.94
C PRO A 462 30.24 -19.40 -5.51
N LEU A 463 29.51 -18.89 -6.50
CA LEU A 463 28.10 -18.58 -6.31
C LEU A 463 27.36 -19.79 -5.76
N ARG A 464 26.45 -19.54 -4.80
CA ARG A 464 25.60 -20.59 -4.27
C ARG A 464 24.78 -21.24 -5.38
N LEU A 465 24.51 -22.53 -5.22
CA LEU A 465 23.67 -23.27 -6.15
C LEU A 465 22.25 -23.31 -5.61
N GLU A 466 21.30 -23.56 -6.50
CA GLU A 466 19.91 -23.66 -6.09
C GLU A 466 19.73 -24.85 -5.14
N GLU A 467 19.12 -24.56 -3.98
CA GLU A 467 18.78 -25.60 -3.01
C GLU A 467 17.64 -26.45 -3.51
N LYS A 468 17.58 -27.69 -3.04
CA LYS A 468 16.45 -28.55 -3.33
C LYS A 468 15.19 -27.99 -2.68
N LYS A 469 14.07 -28.01 -3.41
CA LYS A 469 12.80 -27.62 -2.83
C LYS A 469 12.33 -28.68 -1.83
N ILE A 470 12.03 -28.24 -0.61
CA ILE A 470 11.44 -29.13 0.37
C ILE A 470 9.95 -29.27 0.05
N ILE A 471 9.49 -30.51 -0.08
CA ILE A 471 8.09 -30.75 -0.39
C ILE A 471 7.32 -31.13 0.87
N PRO A 472 6.60 -30.21 1.49
CA PRO A 472 5.98 -30.49 2.80
C PRO A 472 4.79 -31.44 2.71
N GLU A 473 4.68 -32.29 3.72
CA GLU A 473 3.50 -33.13 3.90
C GLU A 473 3.11 -33.15 5.37
N LEU A 474 1.81 -33.12 5.65
CA LEU A 474 1.34 -33.25 7.02
C LEU A 474 1.66 -34.64 7.56
N PRO A 475 1.97 -34.76 8.83
CA PRO A 475 2.19 -36.09 9.41
C PRO A 475 0.90 -36.87 9.49
N SER A 476 1.06 -38.16 9.74
CA SER A 476 -0.03 -39.05 10.06
C SER A 476 -0.38 -38.90 11.55
N VAL A 477 -1.66 -38.75 11.85
CA VAL A 477 -2.16 -38.65 13.22
C VAL A 477 -3.04 -39.86 13.48
N THR A 478 -2.54 -40.79 14.29
CA THR A 478 -3.28 -42.02 14.54
C THR A 478 -4.06 -41.98 15.84
N GLN A 479 -3.50 -41.37 16.88
CA GLN A 479 -4.23 -41.16 18.12
C GLN A 479 -5.51 -40.36 17.85
N SER A 480 -6.57 -40.73 18.55
CA SER A 480 -7.83 -40.00 18.49
C SER A 480 -8.29 -39.69 19.90
N GLY A 481 -8.89 -38.52 20.07
CA GLY A 481 -9.60 -38.19 21.28
C GLY A 481 -11.06 -38.53 21.11
N LYS A 482 -11.89 -37.97 21.97
CA LYS A 482 -13.30 -38.28 21.83
C LYS A 482 -14.09 -37.03 22.18
N ARG A 483 -15.25 -36.90 21.54
CA ARG A 483 -16.28 -36.00 22.02
C ARG A 483 -16.92 -36.60 23.26
N THR A 484 -17.08 -35.81 24.30
CA THR A 484 -17.66 -36.35 25.52
C THR A 484 -19.03 -35.77 25.87
N ALA A 485 -19.48 -34.73 25.16
CA ALA A 485 -20.81 -34.20 25.43
C ALA A 485 -21.29 -33.43 24.20
N VAL A 486 -22.62 -33.42 24.04
CA VAL A 486 -23.29 -32.68 22.98
C VAL A 486 -24.37 -31.84 23.63
N LYS A 487 -24.35 -30.54 23.37
CA LYS A 487 -25.46 -29.66 23.67
C LYS A 487 -26.01 -29.18 22.33
N THR A 488 -27.34 -29.32 22.13
CA THR A 488 -27.98 -29.04 20.86
C THR A 488 -28.79 -27.75 20.93
N PHE A 489 -28.58 -26.85 19.95
CA PHE A 489 -29.38 -25.62 19.77
C PHE A 489 -30.00 -25.68 18.37
N ALA A 490 -31.03 -26.52 18.21
CA ALA A 490 -31.57 -26.81 16.89
C ALA A 490 -32.13 -25.55 16.22
N ALA A 491 -32.75 -24.65 17.00
CA ALA A 491 -33.35 -23.44 16.42
C ALA A 491 -32.29 -22.53 15.77
N GLN A 492 -31.02 -22.64 16.15
CA GLN A 492 -29.95 -21.91 15.48
C GLN A 492 -29.12 -22.79 14.57
N LYS A 493 -29.49 -24.07 14.42
CA LYS A 493 -28.72 -25.01 13.63
C LYS A 493 -27.32 -25.19 14.21
N VAL A 494 -27.20 -25.10 15.53
CA VAL A 494 -25.90 -25.14 16.18
C VAL A 494 -25.84 -26.37 17.09
N GLU A 495 -24.70 -27.04 17.07
CA GLU A 495 -24.35 -28.03 18.09
C GLU A 495 -23.08 -27.61 18.80
N GLN A 496 -23.02 -27.86 20.09
CA GLN A 496 -21.86 -27.55 20.92
C GLN A 496 -21.28 -28.86 21.45
N TRP A 497 -20.01 -29.13 21.14
CA TRP A 497 -19.39 -30.40 21.48
C TRP A 497 -18.26 -30.17 22.49
N GLN A 498 -18.31 -30.88 23.60
CA GLN A 498 -17.16 -30.99 24.48
C GLN A 498 -16.20 -32.09 24.00
N LEU A 499 -14.91 -31.80 24.08
CA LEU A 499 -13.87 -32.74 23.65
C LEU A 499 -13.02 -33.20 24.84
N SER A 500 -12.42 -34.39 24.70
CA SER A 500 -11.66 -34.98 25.80
C SER A 500 -10.48 -34.12 26.26
N ASN A 501 -9.91 -33.26 25.43
CA ASN A 501 -8.80 -32.44 25.90
C ASN A 501 -9.27 -31.17 26.58
N GLY A 502 -10.59 -30.99 26.77
CA GLY A 502 -11.10 -29.74 27.31
C GLY A 502 -11.39 -28.67 26.28
N ASP A 503 -11.08 -28.89 25.00
CA ASP A 503 -11.53 -27.93 23.99
C ASP A 503 -13.04 -28.13 23.75
N ARG A 504 -13.65 -27.17 23.07
CA ARG A 504 -15.04 -27.37 22.64
C ARG A 504 -15.21 -26.87 21.21
N VAL A 505 -16.21 -27.44 20.55
CA VAL A 505 -16.60 -27.09 19.19
C VAL A 505 -17.98 -26.47 19.24
N VAL A 506 -18.12 -25.31 18.61
CA VAL A 506 -19.40 -24.66 18.33
C VAL A 506 -19.57 -24.75 16.81
N TRP A 507 -20.42 -25.68 16.39
CA TRP A 507 -20.60 -26.00 14.99
C TRP A 507 -21.94 -25.49 14.51
N LEU A 508 -21.90 -24.55 13.57
CA LEU A 508 -23.09 -24.04 12.90
C LEU A 508 -23.16 -24.69 11.52
N ARG A 509 -24.25 -25.41 11.28
CA ARG A 509 -24.50 -25.97 9.94
C ARG A 509 -25.29 -24.96 9.11
N ALA A 510 -24.58 -23.93 8.68
CA ALA A 510 -25.18 -22.86 7.87
C ALA A 510 -25.10 -23.23 6.39
N PRO A 511 -26.23 -23.36 5.68
CA PRO A 511 -26.17 -23.52 4.22
C PRO A 511 -25.31 -22.50 3.50
N GLU A 512 -25.15 -21.29 4.06
CA GLU A 512 -24.33 -20.25 3.43
C GLU A 512 -22.85 -20.61 3.35
N ALA A 513 -22.39 -21.65 4.05
CA ALA A 513 -21.00 -22.07 3.92
C ALA A 513 -20.73 -22.75 2.58
N GLY A 514 -21.77 -23.21 1.88
CA GLY A 514 -21.55 -23.80 0.56
C GLY A 514 -20.70 -25.05 0.67
N LYS A 515 -19.71 -25.18 -0.19
CA LYS A 515 -18.78 -26.30 -0.14
C LYS A 515 -17.49 -25.95 0.59
N LYS A 516 -17.51 -24.91 1.43
CA LYS A 516 -16.36 -24.49 2.20
C LYS A 516 -16.61 -24.70 3.70
N VAL A 517 -15.52 -24.90 4.45
N VAL A 517 -15.51 -24.88 4.44
CA VAL A 517 -15.55 -24.97 5.90
CA VAL A 517 -15.52 -24.96 5.89
C VAL A 517 -14.80 -23.75 6.45
C VAL A 517 -14.81 -23.73 6.43
N TYR A 518 -15.44 -23.05 7.38
CA TYR A 518 -14.89 -21.84 8.00
C TYR A 518 -14.58 -22.12 9.46
N LEU A 519 -13.32 -21.89 9.84
CA LEU A 519 -12.84 -22.17 11.18
C LEU A 519 -12.35 -20.89 11.84
N THR A 520 -12.84 -20.61 13.05
CA THR A 520 -12.27 -19.60 13.93
C THR A 520 -11.99 -20.26 15.27
N ALA A 521 -10.72 -20.41 15.61
CA ALA A 521 -10.29 -21.01 16.87
C ALA A 521 -9.91 -19.89 17.86
N THR A 522 -10.66 -19.75 18.94
CA THR A 522 -10.31 -18.74 19.92
C THR A 522 -9.94 -19.39 21.25
N SER A 523 -9.17 -18.63 22.03
CA SER A 523 -8.71 -19.05 23.33
C SER A 523 -8.21 -17.80 24.04
N GLN A 524 -8.02 -17.92 25.35
CA GLN A 524 -7.66 -16.78 26.18
C GLN A 524 -6.16 -16.48 26.18
N ALA A 525 -5.42 -16.93 25.18
CA ALA A 525 -3.96 -16.80 25.18
C ALA A 525 -3.49 -15.52 24.49
N GLY A 526 -4.01 -14.36 24.89
CA GLY A 526 -3.48 -13.10 24.41
C GLY A 526 -2.08 -12.83 24.95
N PHE A 527 -1.35 -11.90 24.31
CA PHE A 527 0.04 -11.72 24.74
C PHE A 527 0.18 -11.06 26.11
N MET A 528 -0.91 -10.56 26.71
CA MET A 528 -0.89 -10.07 28.08
C MET A 528 -1.20 -11.15 29.11
N ALA A 529 -1.32 -12.41 28.69
CA ALA A 529 -1.53 -13.48 29.66
C ALA A 529 -0.33 -13.55 30.63
N THR A 530 -0.66 -13.88 31.88
CA THR A 530 0.29 -13.77 32.98
C THR A 530 1.57 -14.57 32.71
N ALA A 531 1.47 -15.75 32.13
CA ALA A 531 2.68 -16.57 31.99
C ALA A 531 3.64 -16.07 30.90
N MET A 532 3.26 -15.12 30.07
CA MET A 532 4.03 -14.79 28.88
C MET A 532 4.83 -13.50 29.03
N ASN A 533 5.88 -13.41 28.23
CA ASN A 533 6.58 -12.17 27.99
C ASN A 533 5.92 -11.47 26.81
N PRO A 534 5.29 -10.30 27.01
CA PRO A 534 4.43 -9.72 25.95
C PRO A 534 5.09 -9.56 24.59
N TRP A 535 6.22 -8.84 24.50
CA TRP A 535 6.81 -8.61 23.18
C TRP A 535 7.23 -9.92 22.55
N GLN A 536 7.79 -10.84 23.33
CA GLN A 536 8.30 -12.08 22.73
C GLN A 536 7.15 -12.97 22.27
N ALA A 537 6.08 -13.07 23.09
CA ALA A 537 4.90 -13.82 22.65
C ALA A 537 4.40 -13.29 21.32
N GLN A 538 4.35 -11.97 21.19
CA GLN A 538 3.87 -11.39 19.93
C GLN A 538 4.82 -11.73 18.78
N LEU A 539 6.12 -11.60 19.00
CA LEU A 539 7.06 -11.98 17.95
C LEU A 539 6.92 -13.47 17.61
N ALA A 540 6.75 -14.32 18.63
CA ALA A 540 6.58 -15.75 18.41
C ALA A 540 5.37 -16.05 17.53
N SER A 541 4.21 -15.48 17.89
CA SER A 541 2.99 -15.64 17.09
C SER A 541 3.24 -15.30 15.63
N GLN A 542 3.83 -14.13 15.38
CA GLN A 542 4.10 -13.70 14.01
C GLN A 542 5.04 -14.65 13.30
N LEU A 543 6.11 -15.08 13.97
CA LEU A 543 7.07 -15.99 13.33
C LEU A 543 6.45 -17.35 13.00
N VAL A 544 5.64 -17.91 13.89
CA VAL A 544 5.00 -19.20 13.60
C VAL A 544 3.97 -19.03 12.50
N ASN A 545 3.25 -17.91 12.50
CA ASN A 545 2.28 -17.65 11.44
C ASN A 545 2.94 -17.64 10.06
N GLN A 546 4.14 -17.07 9.95
CA GLN A 546 4.82 -17.03 8.65
C GLN A 546 5.61 -18.30 8.37
N SER A 547 6.04 -19.03 9.39
CA SER A 547 6.92 -20.18 9.15
C SER A 547 6.16 -21.47 8.90
N GLY A 548 4.99 -21.65 9.52
CA GLY A 548 4.34 -22.93 9.48
C GLY A 548 5.02 -23.96 10.37
N PRO A 549 4.73 -25.24 10.14
CA PRO A 549 5.23 -26.29 11.04
C PRO A 549 6.75 -26.38 11.05
N ALA A 550 7.29 -27.07 12.07
CA ALA A 550 8.73 -27.09 12.31
C ALA A 550 9.53 -27.50 11.08
N THR A 551 9.08 -28.52 10.36
CA THR A 551 9.88 -29.08 9.26
C THR A 551 9.58 -28.44 7.91
N TRP A 552 8.84 -27.34 7.87
CA TRP A 552 8.49 -26.65 6.64
C TRP A 552 9.36 -25.41 6.49
N SER A 553 8.88 -24.45 5.71
CA SER A 553 9.45 -23.12 5.64
C SER A 553 8.33 -22.18 5.23
N GLY A 554 8.58 -20.88 5.42
CA GLY A 554 7.61 -19.87 4.98
C GLY A 554 7.18 -20.03 3.53
N GLU A 555 8.13 -20.27 2.62
CA GLU A 555 7.80 -20.41 1.21
C GLU A 555 6.98 -21.68 0.95
N SER A 556 7.46 -22.83 1.42
CA SER A 556 6.75 -24.08 1.18
C SER A 556 5.38 -24.08 1.86
N LEU A 557 5.28 -23.39 3.00
CA LEU A 557 3.97 -23.21 3.64
C LEU A 557 3.02 -22.49 2.69
N SER A 558 3.51 -21.42 2.05
CA SER A 558 2.64 -20.64 1.18
C SER A 558 2.22 -21.42 -0.07
N ASN A 559 3.13 -22.21 -0.66
CA ASN A 559 2.76 -23.04 -1.81
C ASN A 559 1.76 -24.10 -1.42
N TRP A 560 2.01 -24.79 -0.31
CA TRP A 560 1.12 -25.85 0.13
C TRP A 560 -0.31 -25.34 0.32
N LYS A 561 -0.47 -24.15 0.90
CA LYS A 561 -1.80 -23.59 1.06
C LYS A 561 -2.45 -23.29 -0.28
N LYS A 562 -1.71 -22.62 -1.17
CA LYS A 562 -2.27 -22.31 -2.49
C LYS A 562 -2.72 -23.58 -3.20
N GLU A 563 -1.95 -24.67 -3.09
CA GLU A 563 -2.33 -25.89 -3.80
C GLU A 563 -3.58 -26.53 -3.19
N LYS A 564 -3.87 -26.29 -1.91
CA LYS A 564 -5.08 -26.81 -1.31
C LYS A 564 -6.19 -25.76 -1.22
N THR A 565 -5.99 -24.58 -1.80
CA THR A 565 -6.98 -23.50 -1.77
C THR A 565 -7.43 -23.27 -0.33
N LEU A 566 -6.46 -23.24 0.57
CA LEU A 566 -6.68 -23.26 1.99
C LEU A 566 -6.00 -22.06 2.61
N SER A 567 -6.64 -21.46 3.60
CA SER A 567 -5.99 -20.40 4.39
C SER A 567 -6.06 -20.77 5.86
N LEU A 568 -5.10 -20.24 6.61
CA LEU A 568 -5.07 -20.39 8.06
C LEU A 568 -4.08 -19.38 8.61
N SER A 569 -4.51 -18.53 9.51
CA SER A 569 -3.74 -17.39 9.98
C SER A 569 -3.82 -17.29 11.50
N ILE A 570 -2.69 -16.96 12.12
CA ILE A 570 -2.62 -16.70 13.56
C ILE A 570 -2.74 -15.19 13.80
N ASP A 571 -3.55 -14.82 14.80
CA ASP A 571 -3.65 -13.43 15.22
C ASP A 571 -3.73 -13.40 16.75
N GLN A 572 -2.63 -12.99 17.40
CA GLN A 572 -2.57 -12.92 18.84
C GLN A 572 -2.78 -11.48 19.31
N GLU A 573 -3.93 -11.21 19.89
CA GLU A 573 -4.21 -9.89 20.45
C GLU A 573 -3.77 -9.85 21.92
N ALA A 574 -4.10 -8.75 22.61
CA ALA A 574 -3.67 -8.60 24.00
C ALA A 574 -4.38 -9.62 24.89
N ASP A 575 -5.64 -9.92 24.59
CA ASP A 575 -6.51 -10.68 25.49
C ASP A 575 -6.94 -12.02 24.92
N GLN A 576 -6.61 -12.32 23.67
CA GLN A 576 -7.08 -13.59 23.14
C GLN A 576 -6.21 -13.98 21.96
N LEU A 577 -6.24 -15.27 21.66
CA LEU A 577 -5.57 -15.84 20.50
C LEU A 577 -6.65 -16.32 19.54
N THR A 578 -6.55 -15.92 18.27
CA THR A 578 -7.48 -16.36 17.22
C THR A 578 -6.69 -16.97 16.07
N LEU A 579 -7.02 -18.20 15.70
CA LEU A 579 -6.54 -18.78 14.45
C LEU A 579 -7.74 -18.91 13.53
N SER A 580 -7.62 -18.35 12.32
CA SER A 580 -8.72 -18.27 11.38
C SER A 580 -8.32 -18.93 10.08
N GLY A 581 -9.28 -19.58 9.44
CA GLY A 581 -8.96 -20.36 8.27
C GLY A 581 -10.20 -20.81 7.52
N THR A 582 -9.97 -21.13 6.25
CA THR A 582 -10.99 -21.58 5.30
C THR A 582 -10.40 -22.65 4.39
N ALA A 583 -11.24 -23.59 3.98
CA ALA A 583 -10.83 -24.63 3.06
C ALA A 583 -12.08 -25.20 2.40
N PRO A 584 -11.93 -25.83 1.23
CA PRO A 584 -13.04 -26.65 0.72
C PRO A 584 -13.28 -27.82 1.66
N THR A 585 -14.52 -28.31 1.69
CA THR A 585 -14.84 -29.36 2.65
C THR A 585 -13.98 -30.60 2.42
N GLU A 586 -13.59 -30.88 1.17
CA GLU A 586 -12.73 -32.01 0.88
C GLU A 586 -11.33 -31.86 1.49
N GLN A 587 -10.94 -30.65 1.87
CA GLN A 587 -9.63 -30.38 2.43
C GLN A 587 -9.66 -30.30 3.96
N LEU A 588 -10.79 -30.68 4.57
CA LEU A 588 -10.97 -30.52 6.02
C LEU A 588 -9.81 -31.10 6.81
N ALA A 589 -9.44 -32.36 6.52
CA ALA A 589 -8.32 -32.98 7.20
C ALA A 589 -7.04 -32.17 7.02
N SER A 590 -6.88 -31.46 5.89
CA SER A 590 -5.67 -30.65 5.72
C SER A 590 -5.74 -29.37 6.54
N LEU A 591 -6.92 -28.77 6.66
CA LEU A 591 -7.08 -27.60 7.50
C LEU A 591 -6.83 -27.93 8.97
N PHE A 592 -7.59 -28.91 9.50
CA PHE A 592 -7.37 -29.37 10.88
C PHE A 592 -5.95 -29.88 11.07
N GLY A 593 -5.41 -30.60 10.09
CA GLY A 593 -4.06 -31.14 10.24
C GLY A 593 -3.01 -30.05 10.38
N LEU A 594 -3.12 -28.99 9.58
CA LEU A 594 -2.16 -27.89 9.70
C LEU A 594 -2.38 -27.17 11.02
N TYR A 595 -3.64 -26.98 11.40
CA TYR A 595 -3.94 -26.36 12.68
C TYR A 595 -3.19 -27.07 13.79
N ARG A 596 -3.36 -28.38 13.89
CA ARG A 596 -2.72 -29.17 14.92
C ARG A 596 -1.20 -29.04 14.87
N GLU A 597 -0.61 -29.01 13.66
CA GLU A 597 0.84 -28.91 13.53
C GLU A 597 1.36 -27.56 14.00
N LEU A 598 0.62 -26.48 13.76
CA LEU A 598 1.02 -25.18 14.32
C LEU A 598 0.97 -25.22 15.84
N ASN A 599 0.06 -26.02 16.41
CA ASN A 599 -0.04 -26.10 17.87
C ASN A 599 1.07 -26.95 18.47
N VAL A 600 1.31 -28.16 17.95
CA VAL A 600 2.28 -29.04 18.62
C VAL A 600 3.63 -29.11 17.94
N ALA A 601 3.78 -28.58 16.74
CA ALA A 601 5.07 -28.62 16.05
C ALA A 601 5.34 -27.29 15.37
N PRO A 602 5.31 -26.17 16.08
CA PRO A 602 5.49 -24.88 15.41
C PRO A 602 6.91 -24.72 14.87
N GLY A 603 7.05 -23.99 13.76
CA GLY A 603 8.38 -23.71 13.23
C GLY A 603 8.82 -22.25 13.31
N ILE A 604 10.14 -22.02 13.23
CA ILE A 604 10.72 -20.69 13.09
C ILE A 604 11.65 -20.72 11.88
N ASP A 605 11.25 -20.08 10.81
CA ASP A 605 12.07 -19.99 9.62
C ASP A 605 13.24 -19.04 9.88
N PRO A 606 14.49 -19.49 9.77
CA PRO A 606 15.63 -18.62 10.16
C PRO A 606 15.71 -17.32 9.40
N ASP A 607 15.32 -17.30 8.11
CA ASP A 607 15.32 -16.07 7.33
C ASP A 607 14.19 -15.14 7.76
N VAL A 608 13.02 -15.69 8.01
CA VAL A 608 11.90 -14.91 8.51
C VAL A 608 12.30 -14.21 9.82
N MET A 609 12.90 -14.96 10.76
CA MET A 609 13.33 -14.42 12.05
C MET A 609 14.33 -13.28 11.87
N LYS A 610 15.37 -13.52 11.06
CA LYS A 610 16.37 -12.50 10.80
C LYS A 610 15.71 -11.24 10.22
N GLU A 611 14.77 -11.42 9.29
CA GLU A 611 14.08 -10.26 8.73
C GLU A 611 13.21 -9.57 9.78
N SER A 612 12.57 -10.36 10.67
CA SER A 612 11.69 -9.73 11.66
C SER A 612 12.47 -8.94 12.70
N MET A 613 13.63 -9.47 13.12
N MET A 613 13.64 -9.46 13.12
CA MET A 613 14.47 -8.76 14.08
CA MET A 613 14.45 -8.75 14.10
C MET A 613 14.91 -7.41 13.51
C MET A 613 15.04 -7.46 13.53
N MET A 614 15.21 -7.36 12.21
CA MET A 614 15.67 -6.11 11.62
C MET A 614 14.54 -5.11 11.59
N SER A 615 13.35 -5.58 11.23
CA SER A 615 12.17 -4.74 11.27
C SER A 615 11.95 -4.15 12.66
N LEU A 616 11.95 -5.00 13.69
CA LEU A 616 11.71 -4.50 15.05
C LEU A 616 12.81 -3.55 15.51
N ALA A 617 14.05 -3.84 15.13
CA ALA A 617 15.15 -3.05 15.65
C ALA A 617 15.18 -1.66 15.01
N ARG A 618 14.93 -1.58 13.70
CA ARG A 618 14.95 -0.25 13.07
C ARG A 618 13.78 0.58 13.56
N GLN A 619 12.64 -0.06 13.80
CA GLN A 619 11.48 0.63 14.34
C GLN A 619 11.75 1.11 15.76
N LYS A 620 12.36 0.25 16.58
CA LYS A 620 12.75 0.67 17.92
C LYS A 620 13.61 1.92 17.86
N ALA A 621 14.66 1.90 17.02
CA ALA A 621 15.56 3.03 16.94
C ALA A 621 14.82 4.28 16.48
N ASN A 622 13.94 4.15 15.48
CA ASN A 622 13.17 5.30 15.04
C ASN A 622 12.22 5.78 16.13
N ASP A 623 11.43 4.85 16.71
CA ASP A 623 10.42 5.23 17.70
C ASP A 623 11.03 5.90 18.92
N ASP A 624 12.29 5.60 19.25
CA ASP A 624 12.89 6.19 20.43
C ASP A 624 13.08 7.70 20.30
N GLN A 625 13.04 8.25 19.09
CA GLN A 625 13.25 9.69 18.94
C GLN A 625 12.35 10.31 17.88
N SER A 626 11.35 9.58 17.39
CA SER A 626 10.45 10.09 16.37
C SER A 626 9.31 10.90 17.01
N VAL A 627 8.64 11.71 16.17
CA VAL A 627 7.44 12.39 16.62
C VAL A 627 6.37 11.38 17.03
N GLY A 628 6.11 10.41 16.17
CA GLY A 628 5.11 9.40 16.48
C GLY A 628 5.43 8.61 17.73
N GLY A 629 6.72 8.34 17.96
CA GLY A 629 7.13 7.73 19.22
C GLY A 629 6.73 8.56 20.42
N LYS A 630 6.93 9.89 20.36
CA LYS A 630 6.61 10.71 21.51
C LYS A 630 5.09 10.82 21.69
N ARG A 631 4.36 10.96 20.58
CA ARG A 631 2.90 10.99 20.64
C ARG A 631 2.34 9.69 21.22
N ALA A 632 2.90 8.55 20.82
CA ALA A 632 2.39 7.30 21.38
C ALA A 632 2.58 7.28 22.88
N SER A 633 3.77 7.67 23.34
CA SER A 633 4.07 7.75 24.76
C SER A 633 3.16 8.76 25.48
N GLU A 634 2.96 9.93 24.89
CA GLU A 634 2.10 10.90 25.58
C GLU A 634 0.64 10.46 25.62
N MET A 635 0.11 9.93 24.51
CA MET A 635 -1.25 9.41 24.55
C MET A 635 -1.38 8.29 25.57
N THR A 636 -0.37 7.40 25.63
CA THR A 636 -0.40 6.29 26.58
C THR A 636 -0.43 6.80 28.02
N LYS A 637 0.41 7.77 28.36
CA LYS A 637 0.39 8.34 29.71
C LYS A 637 -0.97 8.98 30.01
N LEU A 638 -1.47 9.80 29.07
CA LEU A 638 -2.77 10.45 29.28
C LEU A 638 -3.88 9.44 29.52
N ARG A 639 -3.90 8.36 28.73
CA ARG A 639 -5.05 7.47 28.73
C ARG A 639 -4.92 6.29 29.68
N PHE A 640 -3.70 5.80 29.92
CA PHE A 640 -3.54 4.57 30.71
C PHE A 640 -2.60 4.70 31.90
N GLY A 641 -1.89 5.82 32.06
CA GLY A 641 -0.92 5.89 33.13
C GLY A 641 0.44 5.37 32.73
N GLU A 642 0.57 4.06 32.53
CA GLU A 642 1.82 3.45 32.10
C GLU A 642 1.57 2.55 30.89
N PRO A 643 2.60 2.32 30.08
CA PRO A 643 2.46 1.30 29.01
C PRO A 643 2.18 -0.08 29.61
N ALA A 644 1.29 -0.82 28.95
CA ALA A 644 1.04 -2.19 29.38
C ALA A 644 2.29 -3.05 29.23
N TRP A 645 3.05 -2.85 28.16
CA TRP A 645 4.31 -3.51 27.89
C TRP A 645 5.14 -2.58 27.01
N GLN A 646 6.36 -3.00 26.71
CA GLN A 646 7.20 -2.21 25.81
C GLN A 646 8.01 -3.14 24.92
N GLN A 647 8.48 -2.60 23.81
CA GLN A 647 9.46 -3.32 23.02
C GLN A 647 10.79 -3.32 23.79
N PRO A 648 11.66 -4.29 23.51
CA PRO A 648 12.94 -4.37 24.22
C PRO A 648 13.97 -3.42 23.62
N GLU A 649 15.12 -3.32 24.30
CA GLU A 649 16.26 -2.64 23.69
C GLU A 649 16.81 -3.48 22.52
N ILE A 650 17.43 -2.80 21.55
CA ILE A 650 17.99 -3.49 20.39
C ILE A 650 18.97 -4.56 20.84
N ALA A 651 19.66 -4.33 21.94
CA ALA A 651 20.64 -5.30 22.41
C ALA A 651 19.96 -6.57 22.89
N GLU A 652 18.80 -6.46 23.54
CA GLU A 652 18.03 -7.64 23.91
C GLU A 652 17.46 -8.33 22.68
N LEU A 653 16.86 -7.54 21.79
CA LEU A 653 16.41 -8.02 20.50
C LEU A 653 17.43 -8.91 19.81
N LYS A 654 18.69 -8.48 19.78
CA LYS A 654 19.70 -9.26 19.06
C LYS A 654 19.86 -10.65 19.68
N LYS A 655 19.57 -10.80 20.96
CA LYS A 655 19.86 -12.04 21.66
C LYS A 655 18.72 -13.06 21.63
N ILE A 656 17.54 -12.70 21.13
CA ILE A 656 16.41 -13.60 21.22
C ILE A 656 16.66 -14.82 20.35
N SER A 657 16.36 -16.00 20.89
CA SER A 657 16.63 -17.28 20.23
C SER A 657 15.33 -17.99 19.88
N ALA A 658 15.37 -18.81 18.84
CA ALA A 658 14.19 -19.59 18.44
C ALA A 658 13.58 -20.42 19.57
N PRO A 659 14.33 -21.15 20.40
CA PRO A 659 13.67 -21.91 21.49
C PRO A 659 12.99 -21.00 22.51
N ALA A 660 13.56 -19.81 22.79
CA ALA A 660 12.88 -18.91 23.73
C ALA A 660 11.55 -18.46 23.16
N LEU A 661 11.50 -18.19 21.85
CA LEU A 661 10.24 -17.84 21.20
C LEU A 661 9.28 -19.03 21.16
N LEU A 662 9.77 -20.22 20.79
CA LEU A 662 8.88 -21.37 20.76
C LEU A 662 8.31 -21.67 22.15
N SER A 663 9.09 -21.42 23.18
CA SER A 663 8.58 -21.51 24.55
C SER A 663 7.35 -20.62 24.74
N GLN A 664 7.44 -19.37 24.27
CA GLN A 664 6.30 -18.44 24.39
C GLN A 664 5.11 -18.95 23.60
N TRP A 665 5.34 -19.38 22.35
CA TRP A 665 4.23 -19.91 21.55
C TRP A 665 3.55 -21.08 22.25
N HIS A 666 4.33 -22.04 22.76
CA HIS A 666 3.73 -23.19 23.43
C HIS A 666 2.88 -22.76 24.63
N LYS A 667 3.29 -21.71 25.35
CA LYS A 667 2.43 -21.16 26.40
C LYS A 667 1.09 -20.71 25.83
N ALA A 668 1.10 -20.05 24.66
CA ALA A 668 -0.16 -19.61 24.07
C ALA A 668 -0.96 -20.79 23.53
N ALA A 669 -0.27 -21.79 22.97
CA ALA A 669 -0.96 -22.92 22.36
C ALA A 669 -1.63 -23.82 23.38
N SER A 670 -1.31 -23.68 24.66
CA SER A 670 -1.82 -24.59 25.67
C SER A 670 -3.15 -24.15 26.27
N ALA A 671 -3.58 -22.91 26.05
CA ALA A 671 -4.88 -22.47 26.53
C ALA A 671 -5.98 -23.18 25.75
N PRO A 672 -7.05 -23.65 26.43
CA PRO A 672 -8.10 -24.41 25.78
C PRO A 672 -8.87 -23.55 24.79
N VAL A 673 -9.35 -24.20 23.73
CA VAL A 673 -9.81 -23.54 22.52
C VAL A 673 -11.30 -23.82 22.29
N THR A 674 -12.01 -22.79 21.83
CA THR A 674 -13.32 -22.95 21.23
C THR A 674 -13.20 -22.85 19.72
N TYR A 675 -13.56 -23.93 19.02
CA TYR A 675 -13.59 -24.01 17.56
C TYR A 675 -14.98 -23.62 17.07
N TYR A 676 -15.10 -22.37 16.60
CA TYR A 676 -16.26 -21.94 15.82
C TYR A 676 -16.09 -22.47 14.40
N LEU A 677 -16.88 -23.49 14.06
CA LEU A 677 -16.84 -24.18 12.76
C LEU A 677 -18.16 -23.99 12.03
N ILE A 678 -18.10 -23.35 10.87
CA ILE A 678 -19.26 -23.18 10.01
C ILE A 678 -19.07 -24.10 8.83
N ALA A 679 -19.91 -25.12 8.72
CA ALA A 679 -19.75 -26.10 7.66
C ALA A 679 -21.08 -26.78 7.42
N ASP A 680 -21.50 -26.85 6.15
CA ASP A 680 -22.76 -27.54 5.79
C ASP A 680 -22.45 -28.99 5.39
N MET A 681 -22.24 -29.82 6.40
CA MET A 681 -22.01 -31.25 6.23
C MET A 681 -22.66 -31.98 7.39
N PRO A 682 -22.85 -33.30 7.29
CA PRO A 682 -23.41 -34.03 8.43
C PRO A 682 -22.41 -34.21 9.56
N ALA A 683 -22.94 -34.22 10.79
CA ALA A 683 -22.11 -34.50 11.97
C ALA A 683 -21.23 -35.73 11.78
N THR A 684 -21.75 -36.77 11.13
CA THR A 684 -20.97 -38.00 10.94
C THR A 684 -19.73 -37.72 10.10
N GLN A 685 -19.78 -36.69 9.26
CA GLN A 685 -18.59 -36.41 8.46
C GLN A 685 -17.59 -35.56 9.22
N LEU A 686 -18.07 -34.65 10.07
CA LEU A 686 -17.20 -33.74 10.80
C LEU A 686 -16.60 -34.39 12.05
N LEU A 687 -17.38 -35.16 12.80
CA LEU A 687 -16.92 -35.70 14.08
C LEU A 687 -15.62 -36.49 14.01
N PRO A 688 -15.40 -37.39 13.05
CA PRO A 688 -14.11 -38.13 13.06
C PRO A 688 -12.92 -37.21 12.83
N GLN A 689 -13.08 -36.18 12.00
CA GLN A 689 -11.93 -35.29 11.79
C GLN A 689 -11.66 -34.43 13.02
N VAL A 690 -12.73 -34.00 13.72
CA VAL A 690 -12.54 -33.26 14.97
C VAL A 690 -11.86 -34.15 16.01
N GLU A 691 -12.31 -35.39 16.15
CA GLU A 691 -11.74 -36.28 17.17
C GLU A 691 -10.29 -36.63 16.83
N ARG A 692 -9.94 -36.74 15.55
CA ARG A 692 -8.57 -37.10 15.21
C ARG A 692 -7.60 -35.93 15.37
N TYR A 693 -7.97 -34.72 14.92
CA TYR A 693 -6.96 -33.66 14.88
C TYR A 693 -7.09 -32.63 15.98
N LEU A 694 -8.29 -32.43 16.53
CA LEU A 694 -8.52 -31.34 17.49
C LEU A 694 -8.63 -31.81 18.92
N ALA A 695 -9.19 -32.99 19.15
CA ALA A 695 -9.33 -33.48 20.52
C ALA A 695 -8.03 -34.08 21.06
N THR A 696 -6.96 -34.11 20.27
CA THR A 696 -5.70 -34.73 20.66
C THR A 696 -4.61 -33.73 20.98
N ILE A 697 -4.93 -32.45 21.18
CA ILE A 697 -3.93 -31.42 21.41
C ILE A 697 -3.86 -31.15 22.91
N PRO A 698 -2.68 -31.22 23.51
CA PRO A 698 -2.60 -31.01 24.96
C PRO A 698 -2.98 -29.58 25.37
N ARG A 699 -3.76 -29.46 26.43
CA ARG A 699 -4.14 -28.14 26.98
C ARG A 699 -4.06 -28.16 28.49
N GLN A 700 -3.90 -26.95 29.07
CA GLN A 700 -4.04 -26.70 30.49
C GLN A 700 -4.94 -25.49 30.67
N PRO A 701 -5.73 -25.45 31.75
CA PRO A 701 -6.62 -24.30 31.99
C PRO A 701 -5.85 -23.01 31.93
N ALA A 702 -6.43 -22.03 31.24
CA ALA A 702 -5.87 -20.69 31.25
C ALA A 702 -6.81 -19.79 32.03
N SER A 703 -6.26 -18.68 32.51
CA SER A 703 -7.08 -17.65 33.12
C SER A 703 -7.54 -16.65 32.06
N GLU A 704 -8.66 -16.00 32.33
CA GLU A 704 -9.05 -14.85 31.54
C GLU A 704 -8.04 -13.71 31.74
N VAL A 705 -7.73 -13.01 30.66
CA VAL A 705 -6.76 -11.92 30.71
C VAL A 705 -7.51 -10.61 30.97
N LYS A 706 -7.01 -9.83 31.92
CA LYS A 706 -7.60 -8.54 32.25
C LYS A 706 -7.47 -7.57 31.08
N GLN A 707 -8.54 -6.81 30.81
CA GLN A 707 -8.49 -5.82 29.74
C GLN A 707 -7.60 -4.63 30.14
N HIS A 708 -7.01 -4.00 29.13
CA HIS A 708 -6.27 -2.73 29.29
C HIS A 708 -7.31 -1.62 29.17
N LEU A 709 -7.60 -0.95 30.28
CA LEU A 709 -8.78 -0.09 30.37
C LEU A 709 -8.35 1.36 30.56
N ALA A 710 -8.79 2.23 29.64
CA ALA A 710 -8.54 3.66 29.77
C ALA A 710 -9.12 4.17 31.09
N LEU A 711 -8.33 5.01 31.75
CA LEU A 711 -8.68 5.53 33.06
C LEU A 711 -9.76 6.61 32.98
N SER A 712 -10.62 6.63 34.00
CA SER A 712 -11.60 7.68 34.18
C SER A 712 -10.94 9.03 34.35
N GLY A 713 -11.73 10.08 34.20
CA GLY A 713 -11.30 11.42 34.56
C GLY A 713 -11.10 12.32 33.35
N LYS A 714 -10.66 13.55 33.65
CA LYS A 714 -10.37 14.59 32.68
C LYS A 714 -8.88 14.91 32.72
N ARG A 715 -8.19 14.75 31.60
CA ARG A 715 -6.78 15.09 31.51
C ARG A 715 -6.50 15.60 30.11
N GLU A 716 -5.49 16.45 29.98
CA GLU A 716 -5.16 16.94 28.65
C GLU A 716 -3.66 17.20 28.57
N ALA A 717 -3.20 17.48 27.35
CA ALA A 717 -1.80 17.79 27.09
C ALA A 717 -1.67 18.38 25.69
N THR A 718 -0.71 19.29 25.54
CA THR A 718 -0.44 19.94 24.27
C THR A 718 1.04 19.86 24.00
N SER A 719 1.40 19.29 22.85
CA SER A 719 2.79 19.14 22.44
C SER A 719 3.01 19.84 21.11
N ALA A 720 4.00 20.72 21.07
CA ALA A 720 4.43 21.39 19.84
C ALA A 720 5.66 20.64 19.35
N ILE A 721 5.45 19.67 18.46
CA ILE A 721 6.51 18.75 18.04
C ILE A 721 6.29 18.31 16.59
N ASN A 722 5.13 18.64 16.02
CA ASN A 722 4.85 18.26 14.64
C ASN A 722 5.90 18.87 13.72
N VAL A 723 6.42 18.07 12.79
CA VAL A 723 7.36 18.62 11.84
C VAL A 723 6.66 19.23 10.63
N GLU A 724 5.49 18.71 10.25
CA GLU A 724 4.69 19.34 9.21
C GLU A 724 3.86 20.49 9.81
N PRO A 725 3.47 21.47 8.98
CA PRO A 725 2.67 22.60 9.51
C PRO A 725 1.19 22.21 9.59
N ARG A 726 0.87 21.41 10.60
CA ARG A 726 -0.50 21.00 10.87
C ARG A 726 -0.64 20.73 12.35
N ALA A 727 -1.88 20.78 12.81
CA ALA A 727 -2.24 20.46 14.18
C ALA A 727 -3.12 19.22 14.18
N ASP A 728 -2.82 18.30 15.09
CA ASP A 728 -3.59 17.07 15.28
C ASP A 728 -4.30 17.15 16.62
N ILE A 729 -5.62 17.00 16.61
CA ILE A 729 -6.46 17.15 17.80
C ILE A 729 -7.17 15.82 18.03
N LEU A 730 -6.90 15.17 19.15
CA LEU A 730 -7.59 13.94 19.52
C LEU A 730 -8.28 14.12 20.87
N THR A 731 -9.50 13.59 20.97
CA THR A 731 -10.26 13.62 22.22
C THR A 731 -10.92 12.27 22.43
N TRP A 732 -10.79 11.71 23.63
CA TRP A 732 -11.37 10.41 23.96
C TRP A 732 -12.36 10.56 25.09
N SER A 733 -13.47 9.85 24.98
CA SER A 733 -14.47 9.88 26.03
C SER A 733 -15.13 8.51 26.10
N PHE A 734 -15.49 8.09 27.31
CA PHE A 734 -16.14 6.79 27.48
C PHE A 734 -17.15 6.84 28.61
N THR A 735 -18.16 5.99 28.48
CA THR A 735 -19.23 5.84 29.46
C THR A 735 -19.44 4.35 29.60
N PRO A 736 -19.26 3.77 30.79
CA PRO A 736 -19.61 2.36 30.98
C PRO A 736 -21.10 2.16 30.71
N HIS A 737 -21.41 1.13 29.92
CA HIS A 737 -22.77 0.82 29.53
C HIS A 737 -22.81 -0.66 29.18
N ALA A 738 -23.74 -1.40 29.78
CA ALA A 738 -23.82 -2.83 29.52
C ALA A 738 -24.13 -3.07 28.05
N TRP A 739 -23.39 -3.99 27.44
CA TRP A 739 -23.61 -4.34 26.04
C TRP A 739 -24.86 -5.20 25.87
N THR A 740 -25.68 -4.83 24.90
CA THR A 740 -26.74 -5.60 24.28
C THR A 740 -26.71 -5.27 22.80
N PRO A 741 -27.22 -6.17 21.95
CA PRO A 741 -27.29 -5.80 20.51
C PRO A 741 -28.06 -4.51 20.28
N GLN A 742 -29.21 -4.36 20.95
CA GLN A 742 -30.02 -3.14 20.86
C GLN A 742 -29.19 -1.90 21.20
N ALA A 743 -28.57 -1.89 22.38
CA ALA A 743 -27.80 -0.72 22.80
C ALA A 743 -26.68 -0.43 21.81
N ALA A 744 -26.00 -1.47 21.32
CA ALA A 744 -24.94 -1.27 20.35
C ALA A 744 -25.48 -0.65 19.07
N VAL A 745 -26.71 -1.01 18.69
CA VAL A 745 -27.27 -0.49 17.45
C VAL A 745 -27.62 0.98 17.61
N GLN A 746 -28.21 1.34 18.76
CA GLN A 746 -28.54 2.72 19.06
C GLN A 746 -27.31 3.61 19.07
N VAL A 747 -26.21 3.14 19.69
CA VAL A 747 -24.98 3.93 19.68
C VAL A 747 -24.55 4.22 18.24
N SER A 748 -24.56 3.20 17.38
CA SER A 748 -24.10 3.43 16.02
C SER A 748 -25.00 4.43 15.28
N ILE A 749 -26.31 4.38 15.53
CA ILE A 749 -27.21 5.37 14.92
C ILE A 749 -26.92 6.76 15.47
N ALA A 750 -26.88 6.90 16.80
CA ALA A 750 -26.56 8.19 17.39
C ALA A 750 -25.28 8.76 16.81
N ARG A 751 -24.28 7.90 16.58
CA ARG A 751 -23.01 8.38 16.06
C ARG A 751 -23.12 8.78 14.59
N ASN A 752 -24.03 8.17 13.83
CA ASN A 752 -24.28 8.62 12.47
C ASN A 752 -24.80 10.06 12.47
N ILE A 753 -25.89 10.29 13.21
CA ILE A 753 -26.51 11.60 13.28
C ILE A 753 -25.55 12.60 13.92
N ALA A 754 -24.84 12.19 14.97
CA ALA A 754 -23.86 13.08 15.59
C ALA A 754 -22.78 13.45 14.60
N SER A 755 -22.38 12.50 13.76
CA SER A 755 -21.39 12.80 12.73
C SER A 755 -21.87 13.92 11.82
N LYS A 756 -23.11 13.83 11.33
CA LYS A 756 -23.66 14.91 10.52
C LYS A 756 -23.71 16.21 11.30
N TYR A 757 -24.34 16.19 12.49
CA TYR A 757 -24.54 17.41 13.26
C TYR A 757 -23.20 18.08 13.59
N LEU A 758 -22.21 17.31 14.03
CA LEU A 758 -20.94 17.93 14.40
C LEU A 758 -20.13 18.39 13.19
N LYS A 759 -20.45 17.92 11.98
CA LYS A 759 -19.73 18.39 10.79
C LYS A 759 -20.33 19.65 10.19
N THR A 760 -21.65 19.83 10.25
CA THR A 760 -22.17 21.13 9.92
C THR A 760 -21.86 22.13 11.04
N SER A 761 -22.02 21.73 12.30
CA SER A 761 -21.81 22.71 13.36
C SER A 761 -20.38 23.25 13.39
N LEU A 762 -19.42 22.53 12.81
CA LEU A 762 -18.04 23.00 12.67
C LEU A 762 -17.66 23.12 11.19
N ARG A 763 -18.61 23.49 10.33
CA ARG A 763 -18.40 23.58 8.88
C ARG A 763 -17.66 24.84 8.44
N ASP A 764 -17.50 25.83 9.33
CA ASP A 764 -16.89 27.10 8.94
C ASP A 764 -15.47 26.89 8.43
N ASP A 765 -15.22 27.30 7.19
CA ASP A 765 -13.92 27.09 6.55
C ASP A 765 -12.82 27.97 7.14
N ALA A 766 -13.16 29.01 7.91
CA ALA A 766 -12.14 29.84 8.56
C ALA A 766 -11.45 29.14 9.72
N LEU A 767 -12.04 28.06 10.25
CA LEU A 767 -11.40 27.27 11.30
C LEU A 767 -10.20 26.49 10.77
N GLY A 768 -10.21 26.15 9.48
CA GLY A 768 -9.06 25.54 8.85
C GLY A 768 -8.95 24.03 9.01
N ILE A 769 -10.07 23.33 9.18
CA ILE A 769 -10.05 21.90 9.45
C ILE A 769 -9.84 21.14 8.15
N TYR A 770 -8.73 20.41 8.06
CA TYR A 770 -8.42 19.59 6.89
C TYR A 770 -9.19 18.27 6.91
N ARG A 771 -9.31 17.64 8.07
CA ARG A 771 -9.92 16.31 8.19
C ARG A 771 -10.57 16.19 9.56
N MET A 772 -11.72 15.51 9.61
CA MET A 772 -12.46 15.37 10.86
C MET A 772 -13.14 14.01 10.90
N ARG A 773 -13.18 13.42 12.10
CA ARG A 773 -13.67 12.07 12.31
C ARG A 773 -14.37 11.99 13.66
N VAL A 774 -15.56 11.38 13.66
CA VAL A 774 -16.32 11.13 14.87
C VAL A 774 -16.60 9.63 14.92
N ASP A 775 -15.93 8.93 15.83
CA ASP A 775 -16.13 7.50 15.99
C ASP A 775 -16.71 7.23 17.37
N SER A 776 -17.67 6.31 17.42
CA SER A 776 -18.25 5.92 18.69
C SER A 776 -18.84 4.53 18.53
N GLU A 777 -18.57 3.66 19.49
CA GLU A 777 -19.16 2.33 19.49
C GLU A 777 -19.37 1.89 20.93
N LEU A 778 -20.31 0.97 21.11
CA LEU A 778 -20.44 0.29 22.40
C LEU A 778 -19.53 -0.93 22.32
N GLU A 779 -18.27 -0.76 22.74
CA GLU A 779 -17.31 -1.86 22.71
C GLU A 779 -17.82 -3.01 23.58
N ASP A 780 -18.00 -4.19 22.97
CA ASP A 780 -18.69 -5.28 23.66
C ASP A 780 -17.83 -6.00 24.69
N LYS A 781 -16.51 -6.07 24.50
CA LYS A 781 -15.65 -6.72 25.50
C LYS A 781 -15.51 -5.85 26.74
N LYS A 782 -15.20 -4.57 26.55
CA LYS A 782 -15.07 -3.69 27.69
C LYS A 782 -16.41 -3.22 28.24
N GLN A 783 -17.48 -3.36 27.47
CA GLN A 783 -18.82 -2.85 27.84
C GLN A 783 -18.76 -1.37 28.22
N ARG A 784 -18.21 -0.57 27.32
CA ARG A 784 -18.28 0.88 27.47
C ARG A 784 -18.45 1.55 26.12
N ILE A 785 -19.28 2.59 26.09
CA ILE A 785 -19.37 3.47 24.94
C ILE A 785 -18.07 4.25 24.85
N GLU A 786 -17.30 4.01 23.80
CA GLU A 786 -16.03 4.70 23.57
C GLU A 786 -16.20 5.60 22.37
N THR A 787 -15.86 6.88 22.54
CA THR A 787 -16.01 7.90 21.52
C THR A 787 -14.65 8.56 21.27
N GLU A 788 -14.39 8.87 20.01
CA GLU A 788 -13.09 9.34 19.53
C GLU A 788 -13.35 10.42 18.49
N VAL A 789 -12.91 11.65 18.76
CA VAL A 789 -13.08 12.78 17.85
C VAL A 789 -11.70 13.27 17.44
N SER A 790 -11.42 13.21 16.14
CA SER A 790 -10.10 13.57 15.62
C SER A 790 -10.19 14.78 14.70
N PHE A 791 -9.22 15.68 14.80
CA PHE A 791 -9.06 16.75 13.82
C PHE A 791 -7.62 16.78 13.33
N THR A 792 -7.46 17.08 12.04
CA THR A 792 -6.24 17.64 11.51
C THR A 792 -6.57 19.00 10.90
N SER A 793 -5.79 20.02 11.24
CA SER A 793 -6.21 21.38 10.93
C SER A 793 -5.02 22.33 10.92
N ALA A 794 -5.25 23.51 10.35
CA ALA A 794 -4.29 24.59 10.49
C ALA A 794 -4.10 24.91 11.96
N PRO A 795 -2.88 25.26 12.38
CA PRO A 795 -2.60 25.45 13.82
C PRO A 795 -3.36 26.59 14.48
N GLU A 796 -3.72 27.62 13.72
CA GLU A 796 -4.08 28.92 14.31
C GLU A 796 -5.23 28.78 15.30
N ARG A 797 -6.31 28.13 14.88
CA ARG A 797 -7.51 28.02 15.69
C ARG A 797 -7.80 26.57 16.08
N ALA A 798 -6.74 25.77 16.24
CA ALA A 798 -6.90 24.38 16.65
C ALA A 798 -7.40 24.26 18.09
N GLN A 799 -7.01 25.19 18.95
CA GLN A 799 -7.49 25.18 20.33
C GLN A 799 -8.98 25.50 20.45
N GLU A 800 -9.61 25.95 19.37
CA GLU A 800 -11.04 26.23 19.40
C GLU A 800 -11.88 25.04 18.93
N LEU A 801 -11.27 24.06 18.26
CA LEU A 801 -12.05 23.02 17.60
C LEU A 801 -12.71 22.06 18.60
N TRP A 802 -11.99 21.63 19.64
CA TRP A 802 -12.63 20.74 20.60
C TRP A 802 -13.69 21.48 21.41
N THR A 803 -13.44 22.74 21.76
CA THR A 803 -14.47 23.53 22.44
C THR A 803 -15.76 23.55 21.63
N LEU A 804 -15.66 23.76 20.32
CA LEU A 804 -16.85 23.79 19.47
C LEU A 804 -17.49 22.42 19.36
N ALA A 805 -16.68 21.35 19.31
CA ALA A 805 -17.25 20.02 19.25
C ALA A 805 -17.89 19.64 20.57
N GLU A 806 -17.23 19.95 21.69
CA GLU A 806 -17.85 19.81 23.00
C GLU A 806 -19.18 20.56 23.04
N GLN A 807 -19.20 21.78 22.50
CA GLN A 807 -20.42 22.54 22.32
C GLN A 807 -21.47 21.74 21.55
N ALA A 808 -21.11 21.32 20.33
CA ALA A 808 -22.05 20.58 19.49
C ALA A 808 -22.54 19.31 20.16
N PHE A 809 -21.72 18.71 21.02
CA PHE A 809 -22.17 17.50 21.71
C PHE A 809 -23.26 17.81 22.74
N SER A 810 -23.11 18.92 23.45
CA SER A 810 -24.10 19.27 24.47
C SER A 810 -25.45 19.59 23.83
N GLU A 811 -25.45 20.07 22.59
CA GLU A 811 -26.70 20.44 21.94
C GLU A 811 -27.40 19.23 21.34
N LEU A 812 -26.62 18.30 20.78
CA LEU A 812 -27.09 17.15 20.00
C LEU A 812 -28.35 16.46 20.54
N PRO A 813 -28.46 16.08 21.82
CA PRO A 813 -29.60 15.25 22.24
C PRO A 813 -30.96 15.93 22.15
N THR A 814 -31.01 17.25 21.94
CA THR A 814 -32.27 17.92 21.70
C THR A 814 -32.48 18.30 20.25
N LYS A 815 -31.41 18.45 19.48
CA LYS A 815 -31.48 18.79 18.07
C LYS A 815 -31.77 17.59 17.18
N ILE A 816 -31.95 16.40 17.74
CA ILE A 816 -32.13 15.22 16.92
C ILE A 816 -33.58 15.14 16.47
N THR A 817 -33.79 15.10 15.16
CA THR A 817 -35.12 15.23 14.60
C THR A 817 -35.74 13.86 14.39
N GLN A 818 -37.06 13.79 14.50
CA GLN A 818 -37.76 12.56 14.19
C GLN A 818 -37.48 12.12 12.75
N GLN A 819 -37.37 13.08 11.84
CA GLN A 819 -36.99 12.77 10.47
C GLN A 819 -35.60 12.16 10.40
N ASP A 820 -34.67 12.63 11.26
CA ASP A 820 -33.33 12.07 11.33
C ASP A 820 -33.36 10.57 11.62
N VAL A 821 -34.13 10.18 12.64
CA VAL A 821 -34.23 8.78 13.03
C VAL A 821 -34.90 7.97 11.92
N ASP A 822 -36.00 8.51 11.37
CA ASP A 822 -36.76 7.79 10.34
C ASP A 822 -35.85 7.29 9.22
N GLU A 823 -34.96 8.14 8.73
CA GLU A 823 -34.16 7.75 7.57
C GLU A 823 -33.00 6.87 7.99
N GLN A 824 -32.60 6.92 9.27
CA GLN A 824 -31.60 5.99 9.77
C GLN A 824 -32.20 4.61 9.97
N LYS A 825 -33.36 4.54 10.63
CA LYS A 825 -34.07 3.26 10.78
C LYS A 825 -34.32 2.62 9.43
N ALA A 826 -34.75 3.42 8.45
CA ALA A 826 -34.99 2.87 7.13
C ALA A 826 -33.69 2.38 6.49
N GLN A 827 -32.63 3.16 6.63
CA GLN A 827 -31.36 2.78 6.02
C GLN A 827 -30.68 1.65 6.78
N PHE A 828 -30.90 1.57 8.10
CA PHE A 828 -30.44 0.42 8.86
C PHE A 828 -31.12 -0.86 8.38
N ILE A 829 -32.47 -0.82 8.28
CA ILE A 829 -33.23 -1.97 7.80
C ILE A 829 -32.68 -2.47 6.47
N ARG A 830 -32.28 -1.53 5.59
CA ARG A 830 -31.71 -1.94 4.31
C ARG A 830 -30.43 -2.72 4.52
N ALA A 831 -29.52 -2.20 5.35
CA ALA A 831 -28.24 -2.87 5.54
C ALA A 831 -28.41 -4.19 6.30
N GLU A 832 -29.32 -4.22 7.26
CA GLU A 832 -29.53 -5.44 8.02
C GLU A 832 -30.01 -6.57 7.11
N LYS A 833 -31.00 -6.29 6.27
CA LYS A 833 -31.47 -7.33 5.38
C LYS A 833 -30.44 -7.64 4.29
N GLY A 834 -29.57 -6.68 3.95
CA GLY A 834 -28.42 -7.02 3.14
C GLY A 834 -27.43 -7.94 3.83
N ARG A 835 -27.42 -7.93 5.17
CA ARG A 835 -26.53 -8.80 5.95
C ARG A 835 -27.10 -10.19 6.16
N GLN A 836 -28.39 -10.38 5.94
CA GLN A 836 -28.97 -11.71 5.94
C GLN A 836 -28.24 -12.63 4.98
N GLY A 837 -27.88 -13.82 5.46
CA GLY A 837 -27.12 -14.76 4.67
C GLY A 837 -25.67 -14.39 4.45
N ASP A 838 -25.18 -13.33 5.09
CA ASP A 838 -23.79 -12.93 4.94
C ASP A 838 -22.92 -13.71 5.91
N LEU A 839 -22.03 -14.55 5.37
CA LEU A 839 -21.22 -15.44 6.19
C LEU A 839 -20.43 -14.67 7.24
N THR A 840 -19.74 -13.61 6.82
CA THR A 840 -18.96 -12.79 7.75
C THR A 840 -19.79 -12.32 8.93
N THR A 841 -20.98 -11.81 8.66
CA THR A 841 -21.88 -11.34 9.71
C THR A 841 -22.30 -12.49 10.61
N ILE A 842 -22.64 -13.64 10.00
CA ILE A 842 -23.08 -14.83 10.74
C ILE A 842 -21.96 -15.31 11.68
N GLN A 843 -20.75 -15.42 11.15
CA GLN A 843 -19.59 -15.78 11.95
C GLN A 843 -19.38 -14.82 13.11
N ARG A 844 -19.37 -13.52 12.82
CA ARG A 844 -19.14 -12.52 13.85
C ARG A 844 -20.24 -12.59 14.92
N ARG A 845 -21.47 -12.75 14.51
CA ARG A 845 -22.57 -12.79 15.49
C ARG A 845 -22.57 -14.09 16.28
N LEU A 846 -22.13 -15.20 15.69
CA LEU A 846 -22.02 -16.43 16.46
C LEU A 846 -21.02 -16.25 17.61
N ILE A 847 -19.88 -15.63 17.31
CA ILE A 847 -18.84 -15.41 18.30
C ILE A 847 -19.26 -14.36 19.34
N LEU A 848 -19.89 -13.26 18.91
CA LEU A 848 -20.42 -12.31 19.88
C LEU A 848 -21.39 -13.00 20.84
N SER A 849 -22.33 -13.77 20.27
CA SER A 849 -23.31 -14.50 21.09
C SER A 849 -22.63 -15.32 22.17
N TYR A 850 -21.68 -16.18 21.79
CA TYR A 850 -21.03 -17.04 22.77
C TYR A 850 -20.24 -16.24 23.80
N ARG A 851 -19.65 -15.12 23.38
CA ARG A 851 -18.91 -14.30 24.33
C ARG A 851 -19.81 -13.74 25.43
N HIS A 852 -21.04 -13.36 25.08
CA HIS A 852 -21.87 -12.63 26.02
C HIS A 852 -22.93 -13.48 26.68
N TYR A 853 -23.38 -14.54 26.00
CA TYR A 853 -24.41 -15.43 26.53
C TYR A 853 -23.93 -16.84 26.73
N ASN A 854 -22.78 -17.21 26.15
CA ASN A 854 -22.32 -18.59 26.12
C ASN A 854 -23.33 -19.48 25.43
N ASP A 855 -24.07 -18.92 24.48
CA ASP A 855 -24.92 -19.73 23.62
C ASP A 855 -25.09 -18.97 22.32
N PRO A 856 -25.73 -19.58 21.28
CA PRO A 856 -25.85 -18.89 19.99
C PRO A 856 -27.15 -18.15 19.73
N ARG A 857 -27.81 -17.61 20.78
CA ARG A 857 -29.12 -16.96 20.61
C ARG A 857 -29.10 -15.79 19.64
N TYR A 858 -27.97 -15.08 19.53
CA TYR A 858 -27.92 -13.88 18.72
C TYR A 858 -28.09 -14.18 17.23
N LEU A 859 -27.95 -15.44 16.82
CA LEU A 859 -28.20 -15.76 15.42
C LEU A 859 -29.69 -15.70 15.06
N SER A 860 -30.59 -15.70 16.05
CA SER A 860 -32.01 -15.51 15.84
C SER A 860 -32.45 -14.12 16.31
N ASN A 861 -33.62 -13.70 15.83
CA ASN A 861 -34.23 -12.42 16.23
C ASN A 861 -33.35 -11.22 15.93
N ALA A 862 -32.71 -11.24 14.77
CA ALA A 862 -32.14 -10.01 14.26
C ALA A 862 -33.24 -9.06 13.80
N SER A 863 -34.43 -9.58 13.52
CA SER A 863 -35.51 -8.76 12.98
C SER A 863 -35.94 -7.65 13.95
N LYS A 864 -35.93 -7.92 15.27
CA LYS A 864 -36.36 -6.87 16.17
C LYS A 864 -35.20 -5.98 16.63
N LEU A 865 -34.09 -5.98 15.88
CA LEU A 865 -33.07 -4.95 16.10
C LEU A 865 -33.58 -3.58 15.65
N ALA A 866 -34.11 -3.50 14.42
CA ALA A 866 -34.67 -2.26 13.91
C ALA A 866 -35.66 -1.64 14.88
N ASP A 867 -36.46 -2.47 15.55
CA ASP A 867 -37.50 -1.98 16.44
C ASP A 867 -36.94 -1.25 17.66
N SER A 868 -35.66 -1.39 17.96
CA SER A 868 -35.07 -0.63 19.06
C SER A 868 -34.65 0.78 18.65
N ILE A 869 -34.72 1.11 17.37
CA ILE A 869 -34.40 2.45 16.87
C ILE A 869 -35.67 3.30 16.98
N THR A 870 -35.70 4.19 17.97
CA THR A 870 -36.72 5.24 18.06
C THR A 870 -36.06 6.56 18.42
N LEU A 871 -36.83 7.65 18.23
CA LEU A 871 -36.42 8.96 18.71
C LEU A 871 -36.03 8.93 20.17
N GLU A 872 -36.91 8.39 21.02
CA GLU A 872 -36.65 8.42 22.44
C GLU A 872 -35.42 7.59 22.82
N SER A 873 -35.16 6.49 22.11
CA SER A 873 -33.98 5.70 22.44
C SER A 873 -32.72 6.28 21.81
N VAL A 874 -32.78 6.71 20.54
CA VAL A 874 -31.60 7.27 19.90
C VAL A 874 -31.15 8.55 20.61
N ARG A 875 -32.10 9.37 21.05
CA ARG A 875 -31.74 10.58 21.76
C ARG A 875 -31.19 10.25 23.15
N ALA A 876 -31.87 9.37 23.89
CA ALA A 876 -31.35 8.94 25.19
C ALA A 876 -29.93 8.43 25.07
N MET A 877 -29.58 7.85 23.92
CA MET A 877 -28.23 7.34 23.70
C MET A 877 -27.29 8.43 23.17
N SER A 878 -27.80 9.36 22.36
CA SER A 878 -26.96 10.44 21.86
C SER A 878 -26.39 11.27 23.01
N ALA A 879 -27.11 11.34 24.12
CA ALA A 879 -26.64 12.06 25.30
C ALA A 879 -25.44 11.38 25.92
N LYS A 880 -25.31 10.06 25.74
CA LYS A 880 -24.21 9.31 26.35
C LYS A 880 -23.00 9.15 25.43
N LEU A 881 -23.00 9.76 24.24
CA LEU A 881 -21.85 9.57 23.35
C LEU A 881 -20.61 10.27 23.89
N TYR A 882 -20.78 11.47 24.45
CA TYR A 882 -19.68 12.20 25.06
C TYR A 882 -19.98 12.39 26.53
N ASN A 883 -19.01 12.07 27.37
CA ASN A 883 -19.15 12.14 28.81
C ASN A 883 -18.11 13.12 29.31
N PRO A 884 -18.49 14.34 29.71
CA PRO A 884 -17.48 15.31 30.14
C PRO A 884 -16.68 14.86 31.35
N ASP A 885 -17.19 13.90 32.14
CA ASP A 885 -16.44 13.42 33.29
C ASP A 885 -15.26 12.56 32.87
N ASN A 886 -15.35 11.91 31.70
CA ASN A 886 -14.27 11.07 31.17
C ASN A 886 -13.83 11.67 29.83
N ARG A 887 -12.85 12.57 29.88
CA ARG A 887 -12.42 13.24 28.67
C ARG A 887 -10.91 13.44 28.70
N VAL A 888 -10.21 12.86 27.73
CA VAL A 888 -8.79 13.05 27.55
C VAL A 888 -8.58 13.79 26.23
N LEU A 889 -7.86 14.90 26.27
CA LEU A 889 -7.63 15.75 25.12
C LEU A 889 -6.14 15.79 24.83
N TYR A 890 -5.75 15.54 23.58
CA TYR A 890 -4.33 15.54 23.21
C TYR A 890 -4.16 16.38 21.95
N ILE A 891 -3.35 17.42 22.04
CA ILE A 891 -3.13 18.37 20.95
C ILE A 891 -1.68 18.31 20.53
N THR A 892 -1.44 18.00 19.26
CA THR A 892 -0.11 18.13 18.68
C THR A 892 -0.08 19.37 17.82
N LEU A 893 0.80 20.30 18.15
CA LEU A 893 1.02 21.50 17.34
C LEU A 893 2.34 21.43 16.60
N PRO A 894 2.50 22.22 15.53
CA PRO A 894 3.81 22.31 14.88
C PRO A 894 4.89 22.67 15.89
N GLN A 895 6.09 22.16 15.66
CA GLN A 895 7.19 22.46 16.58
C GLN A 895 7.53 23.95 16.54
N GLU A 896 7.82 24.51 17.71
CA GLU A 896 8.07 25.94 17.83
C GLU A 896 9.36 26.36 17.12
N ALA B 1 -7.56 3.22 16.62
CA ALA B 1 -8.18 2.42 15.58
C ALA B 1 -7.11 1.90 14.61
N THR B 2 -6.40 0.84 15.02
CA THR B 2 -5.27 0.30 14.28
C THR B 2 -5.69 -0.76 13.27
N TYR B 3 -5.16 -0.68 12.04
CA TYR B 3 -5.38 -1.69 11.00
C TYR B 3 -4.06 -2.13 10.39
N LYS B 4 -4.13 -3.20 9.60
CA LYS B 4 -2.98 -3.84 8.98
C LYS B 4 -3.14 -3.85 7.47
N VAL B 5 -2.10 -3.42 6.76
CA VAL B 5 -2.10 -3.33 5.31
C VAL B 5 -0.99 -4.21 4.76
N LYS B 6 -1.32 -4.98 3.72
CA LYS B 6 -0.39 -5.92 3.10
C LYS B 6 -0.03 -5.44 1.70
N PHE B 7 1.23 -5.63 1.31
CA PHE B 7 1.77 -5.14 0.05
C PHE B 7 2.30 -6.28 -0.79
N ILE B 8 1.91 -6.30 -2.06
CA ILE B 8 2.36 -7.28 -3.05
C ILE B 8 3.33 -6.58 -4.00
N THR B 9 4.58 -7.06 -4.04
CA THR B 9 5.62 -6.50 -4.91
C THR B 9 6.46 -7.63 -5.46
N PRO B 10 7.22 -7.37 -6.55
CA PRO B 10 8.09 -8.42 -7.13
C PRO B 10 9.01 -9.14 -6.14
N GLU B 11 9.35 -8.52 -5.00
CA GLU B 11 10.19 -9.20 -4.03
C GLU B 11 9.38 -10.07 -3.08
N GLY B 12 8.23 -9.58 -2.61
CA GLY B 12 7.34 -10.44 -1.84
C GLY B 12 6.40 -9.66 -0.94
N GLU B 13 5.53 -10.44 -0.28
CA GLU B 13 4.52 -9.89 0.62
C GLU B 13 5.16 -9.14 1.79
N LEU B 14 4.73 -7.89 1.98
CA LEU B 14 5.16 -7.07 3.11
C LEU B 14 3.94 -6.57 3.87
N GLU B 15 4.04 -6.56 5.21
CA GLU B 15 2.90 -6.18 6.06
C GLU B 15 3.30 -5.09 7.04
N VAL B 16 2.47 -4.06 7.15
CA VAL B 16 2.71 -2.93 8.04
C VAL B 16 1.42 -2.61 8.80
N GLU B 17 1.57 -2.03 9.99
CA GLU B 17 0.47 -1.61 10.84
C GLU B 17 0.38 -0.10 10.89
N CYS B 18 -0.80 0.45 10.56
CA CYS B 18 -1.02 1.88 10.52
C CYS B 18 -2.32 2.25 11.22
N ASP B 19 -2.37 3.49 11.71
CA ASP B 19 -3.59 4.03 12.31
C ASP B 19 -4.59 4.40 11.21
N ASP B 20 -5.79 4.81 11.63
CA ASP B 20 -6.78 5.30 10.69
C ASP B 20 -6.31 6.59 10.04
N ASP B 21 -5.63 7.44 10.81
CA ASP B 21 -5.24 8.78 10.38
C ASP B 21 -3.91 8.79 9.64
N VAL B 22 -3.46 7.66 9.12
CA VAL B 22 -2.11 7.51 8.58
C VAL B 22 -2.18 7.16 7.10
N TYR B 23 -1.42 7.89 6.28
CA TYR B 23 -1.26 7.58 4.87
C TYR B 23 -0.36 6.36 4.71
N VAL B 24 -0.68 5.55 3.70
CA VAL B 24 -0.16 4.19 3.61
C VAL B 24 1.35 4.17 3.39
N LEU B 25 1.84 5.02 2.48
CA LEU B 25 3.28 5.05 2.22
C LEU B 25 4.06 5.64 3.40
N ASP B 26 3.43 6.52 4.19
CA ASP B 26 4.11 7.06 5.35
C ASP B 26 4.32 5.99 6.42
N ALA B 27 3.33 5.13 6.62
CA ALA B 27 3.47 4.07 7.60
C ALA B 27 4.54 3.06 7.18
N ALA B 28 4.62 2.76 5.88
CA ALA B 28 5.68 1.90 5.37
C ALA B 28 7.05 2.54 5.59
N GLU B 29 7.19 3.81 5.23
CA GLU B 29 8.48 4.48 5.36
C GLU B 29 8.88 4.61 6.83
N GLU B 30 7.91 4.87 7.71
CA GLU B 30 8.18 4.87 9.14
C GLU B 30 8.57 3.48 9.65
N ALA B 31 8.05 2.43 9.02
CA ALA B 31 8.43 1.06 9.31
C ALA B 31 9.77 0.67 8.68
N GLY B 32 10.29 1.47 7.76
CA GLY B 32 11.54 1.10 7.13
C GLY B 32 11.40 0.09 6.02
N ILE B 33 10.21 -0.05 5.45
CA ILE B 33 10.00 -0.80 4.22
C ILE B 33 10.26 0.14 3.04
N ASP B 34 11.08 -0.32 2.08
CA ASP B 34 11.43 0.44 0.88
C ASP B 34 10.64 -0.09 -0.30
N LEU B 35 9.66 0.69 -0.77
CA LEU B 35 8.76 0.24 -1.83
C LEU B 35 9.11 0.84 -3.20
N PRO B 36 8.56 2.03 -3.57
CA PRO B 36 8.26 2.42 -4.96
C PRO B 36 8.76 1.50 -6.08
N VAL B 85 -7.20 -3.81 4.26
CA VAL B 85 -6.80 -3.37 2.92
C VAL B 85 -5.60 -4.21 2.47
N THR B 86 -5.51 -4.45 1.16
CA THR B 86 -4.33 -5.07 0.55
C THR B 86 -4.14 -4.38 -0.80
N ILE B 87 -3.15 -3.49 -0.91
CA ILE B 87 -2.94 -2.78 -2.16
C ILE B 87 -1.73 -3.34 -2.88
N GLU B 88 -1.69 -3.12 -4.19
CA GLU B 88 -0.79 -3.77 -5.12
C GLU B 88 0.21 -2.76 -5.70
N THR B 89 1.47 -3.17 -5.82
CA THR B 89 2.49 -2.36 -6.47
C THR B 89 3.73 -3.19 -6.80
N ASP C 84 13.09 -3.41 -16.75
CA ASP C 84 11.82 -3.60 -17.44
C ASP C 84 11.68 -5.03 -17.97
N VAL C 85 10.42 -5.43 -18.19
CA VAL C 85 10.09 -6.72 -18.76
C VAL C 85 9.61 -6.47 -20.19
N THR C 86 10.39 -6.94 -21.18
CA THR C 86 9.98 -6.81 -22.58
C THR C 86 9.00 -7.91 -23.00
N ILE C 87 9.09 -9.10 -22.40
CA ILE C 87 8.17 -10.22 -22.65
C ILE C 87 7.71 -10.76 -21.30
N GLU C 88 6.47 -10.46 -20.91
CA GLU C 88 5.96 -10.92 -19.63
C GLU C 88 5.81 -12.44 -19.63
N THR C 89 6.36 -13.10 -18.60
CA THR C 89 6.34 -14.55 -18.46
C THR C 89 5.39 -15.05 -17.38
N HIS C 90 5.20 -14.28 -16.30
CA HIS C 90 4.39 -14.71 -15.17
C HIS C 90 3.16 -13.84 -14.99
N UNK D 1 -23.33 -6.87 15.69
CA UNK D 1 -23.17 -5.42 15.85
C UNK D 1 -22.22 -4.98 17.00
N UNK D 2 -21.77 -3.73 16.91
CA UNK D 2 -20.70 -3.15 17.73
C UNK D 2 -19.39 -3.88 17.54
N UNK D 3 -19.29 -4.75 16.53
CA UNK D 3 -18.02 -5.18 15.98
C UNK D 3 -17.94 -4.84 14.49
N UNK D 4 -18.92 -4.08 13.99
CA UNK D 4 -19.13 -3.82 12.56
C UNK D 4 -18.99 -2.33 12.21
P PO4 E . 33.34 -16.57 1.48
O1 PO4 E . 34.45 -16.07 2.40
O2 PO4 E . 32.77 -17.90 1.94
O3 PO4 E . 32.21 -15.57 1.54
O4 PO4 E . 33.85 -16.66 0.06
P PO4 F . 12.70 10.25 -15.35
O1 PO4 F . 14.13 10.54 -14.97
O2 PO4 F . 11.84 10.35 -14.10
O3 PO4 F . 12.28 11.27 -16.38
O4 PO4 F . 12.60 8.85 -15.93
P PO4 G . 15.65 -4.07 0.76
O1 PO4 G . 16.08 -3.32 1.99
O2 PO4 G . 16.86 -4.72 0.13
O3 PO4 G . 15.01 -3.07 -0.19
O4 PO4 G . 14.67 -5.18 1.08
HG HG H . -1.39 17.99 -8.40
HG HG I . -7.13 28.16 -31.35
HG HG J . -0.39 -20.14 7.58
HG HG K . 2.40 -26.69 22.97
HG HG L . -4.67 -0.71 25.82
#